data_8UKY
#
_entry.id   8UKY
#
_cell.length_a   71.554
_cell.length_b   72.622
_cell.length_c   75.282
_cell.angle_alpha   103.010
_cell.angle_beta   103.980
_cell.angle_gamma   112.150
#
_symmetry.space_group_name_H-M   'P 1'
#
loop_
_entity.id
_entity.type
_entity.pdbx_description
1 polymer '14G6 Fab light chain'
2 polymer '14G6 Fab heavy chain'
3 polymer 'Bcl-2 homologous antagonist/killer'
4 non-polymer 'SULFATE ION'
5 non-polymer ACETONITRILE
6 non-polymer DI(HYDROXYETHYL)ETHER
7 non-polymer TRIS-HYDROXYMETHYL-METHYL-AMMONIUM
8 non-polymer 'TRIETHYLENE GLYCOL'
9 non-polymer 1,2-ETHANEDIOL
10 non-polymer 'PENTAETHYLENE GLYCOL'
11 water water
#
loop_
_entity_poly.entity_id
_entity_poly.type
_entity_poly.pdbx_seq_one_letter_code
_entity_poly.pdbx_strand_id
1 'polypeptide(L)'
;DIVMTQSHKFMSTSVGDRVSITCKASQDVGTAVAWYQQKPGQSPKLLIYWASTRHTGVPDRFTGSGSGTDFTLTISNVQS
EDLADYFCQQYSSYRTFGGGTKLEIKRTVAAPSVFIFPPSDEQLKSGTASVVCLLNNFYPREAKVQWKVDNALQSGNSQE
SVTEQDSKDSTYSLSSTLTLSKADYEKHKVYACEVTHQGLSSPVTKSFNRGEC
;
L,A
2 'polypeptide(L)'
;EVKLVESGAELVRPGTSVKVSCKASGYAFTNYLIEWVKQRPGQGLEWIGVINPGSGGTNYNEKFKGKATLTADKSSSTAY
MQLTSLTSDDSAVYFCASPSLYGSFDYWGQGTTVTVSSASTKGPSVFPLAPSSKSTSGGTAALGCLVKDYFPEPVTVSWN
SGALTSGVHTFPAVLQSSGLYSLSSVVTVPSSSLGTQTYICNVNHKPSNTKVDKRVEPK
;
H,B
3 'polypeptide(L)'
;GPLGSMSEEQVAQDTEEVFRSYVFYRHQQEQEAEGVAAPADPEMVTLPLQPSSTMGQVGRQLAIIGDDINRRYDSEFQTM
LQHLQPTAENAYEYFTKIATSLFESGINWGRVVALLGFGYRLALHVYQHGLTGFLGQVTRFVVDFMLHHSIARWIAQRGG
WVAALNLGNG
;
C,D
#
loop_
_chem_comp.id
_chem_comp.type
_chem_comp.name
_chem_comp.formula
144 non-polymer TRIS-HYDROXYMETHYL-METHYL-AMMONIUM 'C4 H12 N O3 1'
1PE non-polymer 'PENTAETHYLENE GLYCOL' 'C10 H22 O6'
CCN non-polymer ACETONITRILE 'C2 H3 N'
EDO non-polymer 1,2-ETHANEDIOL 'C2 H6 O2'
PEG non-polymer DI(HYDROXYETHYL)ETHER 'C4 H10 O3'
PGE non-polymer 'TRIETHYLENE GLYCOL' 'C6 H14 O4'
SO4 non-polymer 'SULFATE ION' 'O4 S -2'
#
# COMPACT_ATOMS: atom_id res chain seq x y z
N ASP A 1 -18.74 -8.07 -19.90
CA ASP A 1 -17.65 -8.99 -19.60
C ASP A 1 -16.63 -8.36 -18.66
N ILE A 2 -16.18 -9.13 -17.68
CA ILE A 2 -15.07 -8.73 -16.83
C ILE A 2 -13.77 -9.00 -17.56
N VAL A 3 -12.91 -7.99 -17.63
CA VAL A 3 -11.65 -8.08 -18.37
C VAL A 3 -10.50 -8.16 -17.37
N MET A 4 -9.78 -9.28 -17.39
CA MET A 4 -8.56 -9.43 -16.61
C MET A 4 -7.38 -9.05 -17.49
N THR A 5 -6.69 -7.98 -17.12
CA THR A 5 -5.62 -7.41 -17.93
C THR A 5 -4.28 -7.73 -17.29
N GLN A 6 -3.48 -8.54 -17.98
CA GLN A 6 -2.08 -8.77 -17.63
C GLN A 6 -1.26 -7.87 -18.54
N SER A 7 -0.81 -6.74 -17.99
CA SER A 7 -0.24 -5.66 -18.81
C SER A 7 1.04 -6.08 -19.50
N HIS A 8 1.76 -7.07 -18.97
CA HIS A 8 3.03 -7.50 -19.52
C HIS A 8 2.90 -8.93 -20.05
N LYS A 9 3.05 -9.10 -21.36
CA LYS A 9 2.98 -10.43 -21.95
C LYS A 9 4.26 -11.21 -21.72
N PHE A 10 5.40 -10.52 -21.63
CA PHE A 10 6.68 -11.14 -21.37
C PHE A 10 7.35 -10.44 -20.19
N MET A 11 7.94 -11.23 -19.31
CA MET A 11 8.67 -10.72 -18.16
C MET A 11 10.03 -11.42 -18.10
N SER A 12 11.08 -10.63 -17.90
CA SER A 12 12.44 -11.15 -17.81
C SER A 12 12.85 -11.23 -16.35
N THR A 13 13.24 -12.43 -15.91
CA THR A 13 13.72 -12.65 -14.56
C THR A 13 15.06 -13.37 -14.61
N SER A 14 15.62 -13.62 -13.43
CA SER A 14 16.84 -14.40 -13.28
C SER A 14 16.61 -15.46 -12.21
N VAL A 15 17.34 -16.57 -12.34
CA VAL A 15 17.22 -17.64 -11.35
C VAL A 15 17.70 -17.11 -10.00
N GLY A 16 16.93 -17.40 -8.96
CA GLY A 16 17.22 -16.92 -7.63
C GLY A 16 16.66 -15.55 -7.30
N ASP A 17 16.14 -14.83 -8.29
CA ASP A 17 15.51 -13.55 -8.04
C ASP A 17 14.02 -13.75 -7.78
N ARG A 18 13.30 -12.64 -7.58
CA ARG A 18 11.86 -12.66 -7.39
C ARG A 18 11.19 -11.83 -8.47
N VAL A 19 10.07 -12.32 -8.97
CA VAL A 19 9.32 -11.66 -10.03
C VAL A 19 7.85 -11.63 -9.64
N SER A 20 7.17 -10.53 -9.96
CA SER A 20 5.77 -10.35 -9.67
C SER A 20 5.00 -10.07 -10.96
N ILE A 21 3.90 -10.80 -11.16
CA ILE A 21 3.06 -10.66 -12.33
C ILE A 21 1.76 -10.00 -11.90
N THR A 22 1.46 -8.85 -12.49
CA THR A 22 0.29 -8.07 -12.11
C THR A 22 -0.91 -8.44 -12.97
N CYS A 23 -2.10 -8.28 -12.39
CA CYS A 23 -3.35 -8.61 -13.05
C CYS A 23 -4.43 -7.67 -12.53
N LYS A 24 -4.98 -6.82 -13.40
CA LYS A 24 -6.01 -5.88 -13.02
C LYS A 24 -7.34 -6.30 -13.62
N ALA A 25 -8.36 -6.37 -12.77
CA ALA A 25 -9.72 -6.68 -13.21
C ALA A 25 -10.46 -5.40 -13.58
N SER A 26 -11.39 -5.53 -14.51
CA SER A 26 -12.21 -4.38 -14.91
C SER A 26 -13.33 -4.09 -13.91
N GLN A 27 -13.64 -5.03 -13.03
CA GLN A 27 -14.59 -4.84 -11.96
C GLN A 27 -13.97 -5.30 -10.64
N ASP A 28 -14.67 -5.00 -9.55
CA ASP A 28 -14.34 -5.60 -8.26
C ASP A 28 -14.74 -7.07 -8.30
N VAL A 29 -13.77 -7.96 -8.13
CA VAL A 29 -14.04 -9.39 -8.05
C VAL A 29 -13.75 -9.92 -6.65
N GLY A 30 -13.63 -9.02 -5.68
CA GLY A 30 -13.33 -9.44 -4.31
C GLY A 30 -11.99 -10.16 -4.26
N THR A 31 -12.02 -11.39 -3.76
CA THR A 31 -10.84 -12.24 -3.72
C THR A 31 -11.02 -13.51 -4.55
N ALA A 32 -12.04 -13.53 -5.42
CA ALA A 32 -12.33 -14.71 -6.24
C ALA A 32 -11.44 -14.74 -7.48
N VAL A 33 -10.14 -14.82 -7.23
CA VAL A 33 -9.14 -14.78 -8.28
C VAL A 33 -8.21 -15.98 -8.12
N ALA A 34 -7.85 -16.60 -9.26
CA ALA A 34 -6.97 -17.75 -9.27
C ALA A 34 -5.81 -17.51 -10.25
N TRP A 35 -4.70 -18.17 -9.98
CA TRP A 35 -3.51 -18.12 -10.82
C TRP A 35 -3.18 -19.52 -11.33
N TYR A 36 -2.87 -19.62 -12.62
CA TYR A 36 -2.57 -20.90 -13.25
C TYR A 36 -1.23 -20.84 -13.96
N GLN A 37 -0.49 -21.93 -13.88
CA GLN A 37 0.74 -22.12 -14.65
C GLN A 37 0.48 -23.07 -15.80
N GLN A 38 0.99 -22.72 -16.99
CA GLN A 38 0.91 -23.59 -18.14
C GLN A 38 2.28 -23.67 -18.82
N LYS A 39 2.71 -24.89 -19.10
CA LYS A 39 3.91 -25.18 -19.87
C LYS A 39 3.53 -25.77 -21.22
N PRO A 40 4.36 -25.58 -22.25
CA PRO A 40 3.99 -26.01 -23.61
C PRO A 40 3.54 -27.46 -23.68
N GLY A 41 2.42 -27.69 -24.36
CA GLY A 41 1.88 -29.02 -24.54
C GLY A 41 1.07 -29.55 -23.38
N GLN A 42 1.05 -28.86 -22.25
CA GLN A 42 0.44 -29.35 -21.02
C GLN A 42 -0.78 -28.53 -20.66
N SER A 43 -1.68 -29.16 -19.90
CA SER A 43 -2.84 -28.46 -19.37
C SER A 43 -2.40 -27.44 -18.31
N PRO A 44 -3.17 -26.36 -18.13
CA PRO A 44 -2.87 -25.43 -17.04
C PRO A 44 -3.00 -26.10 -15.68
N LYS A 45 -2.23 -25.60 -14.72
CA LYS A 45 -2.23 -26.12 -13.35
C LYS A 45 -2.52 -24.99 -12.37
N LEU A 46 -3.39 -25.26 -11.40
CA LEU A 46 -3.74 -24.26 -10.41
C LEU A 46 -2.59 -24.06 -9.42
N LEU A 47 -2.22 -22.81 -9.21
CA LEU A 47 -1.18 -22.44 -8.24
C LEU A 47 -1.77 -21.75 -7.01
N ILE A 48 -2.53 -20.68 -7.22
CA ILE A 48 -3.10 -19.87 -6.16
C ILE A 48 -4.59 -19.74 -6.42
N TYR A 49 -5.40 -19.95 -5.38
CA TYR A 49 -6.82 -19.65 -5.44
C TYR A 49 -7.17 -18.75 -4.27
N TRP A 50 -8.36 -18.15 -4.33
CA TRP A 50 -8.82 -17.23 -3.29
C TRP A 50 -7.88 -16.04 -3.14
N ALA A 51 -7.27 -15.64 -4.27
CA ALA A 51 -6.33 -14.53 -4.36
C ALA A 51 -4.99 -14.81 -3.68
N SER A 52 -5.01 -15.51 -2.55
CA SER A 52 -3.78 -15.66 -1.77
C SER A 52 -3.54 -17.07 -1.24
N THR A 53 -4.41 -18.04 -1.49
CA THR A 53 -4.29 -19.37 -0.90
C THR A 53 -3.57 -20.29 -1.88
N ARG A 54 -2.46 -20.86 -1.44
CA ARG A 54 -1.70 -21.79 -2.27
C ARG A 54 -2.41 -23.13 -2.38
N HIS A 55 -2.49 -23.65 -3.60
CA HIS A 55 -3.08 -24.96 -3.83
C HIS A 55 -2.13 -26.07 -3.38
N THR A 56 -2.71 -27.26 -3.18
CA THR A 56 -1.93 -28.41 -2.72
C THR A 56 -0.85 -28.78 -3.73
N GLY A 57 0.35 -29.06 -3.23
CA GLY A 57 1.47 -29.47 -4.05
C GLY A 57 2.25 -28.33 -4.68
N VAL A 58 1.88 -27.09 -4.42
CA VAL A 58 2.54 -25.93 -5.02
C VAL A 58 3.67 -25.47 -4.11
N PRO A 59 4.85 -25.17 -4.65
CA PRO A 59 5.98 -24.80 -3.79
C PRO A 59 5.74 -23.50 -3.05
N ASP A 60 6.42 -23.37 -1.91
CA ASP A 60 6.26 -22.19 -1.06
C ASP A 60 6.69 -20.90 -1.76
N ARG A 61 7.50 -21.00 -2.80
CA ARG A 61 8.00 -19.80 -3.47
C ARG A 61 6.93 -19.06 -4.26
N PHE A 62 5.76 -19.68 -4.48
CA PHE A 62 4.64 -19.03 -5.14
C PHE A 62 3.72 -18.41 -4.09
N THR A 63 3.49 -17.10 -4.20
CA THR A 63 2.56 -16.40 -3.33
C THR A 63 1.66 -15.48 -4.16
N GLY A 64 0.41 -15.36 -3.73
CA GLY A 64 -0.53 -14.45 -4.35
C GLY A 64 -1.02 -13.42 -3.37
N SER A 65 -1.34 -12.24 -3.88
CA SER A 65 -1.87 -11.17 -3.03
C SER A 65 -2.82 -10.32 -3.84
N GLY A 66 -3.75 -9.66 -3.13
CA GLY A 66 -4.62 -8.67 -3.74
C GLY A 66 -6.08 -8.87 -3.40
N SER A 67 -6.88 -7.83 -3.64
CA SER A 67 -8.31 -7.86 -3.36
C SER A 67 -8.97 -6.72 -4.12
N GLY A 68 -10.10 -7.01 -4.77
CA GLY A 68 -10.82 -5.99 -5.48
C GLY A 68 -10.55 -6.00 -6.97
N THR A 69 -9.56 -5.23 -7.41
CA THR A 69 -9.20 -5.15 -8.81
C THR A 69 -7.75 -5.50 -9.12
N ASP A 70 -6.82 -5.26 -8.20
CA ASP A 70 -5.40 -5.48 -8.46
C ASP A 70 -4.95 -6.75 -7.75
N PHE A 71 -4.35 -7.67 -8.51
CA PHE A 71 -3.89 -8.94 -7.99
C PHE A 71 -2.50 -9.22 -8.53
N THR A 72 -1.64 -9.80 -7.69
CA THR A 72 -0.24 -10.01 -8.02
C THR A 72 0.19 -11.43 -7.67
N LEU A 73 0.81 -12.10 -8.62
CA LEU A 73 1.46 -13.38 -8.40
C LEU A 73 2.96 -13.15 -8.25
N THR A 74 3.50 -13.44 -7.08
CA THR A 74 4.92 -13.26 -6.79
C THR A 74 5.59 -14.62 -6.67
N ILE A 75 6.66 -14.82 -7.44
CA ILE A 75 7.46 -16.03 -7.38
C ILE A 75 8.81 -15.65 -6.77
N SER A 76 9.05 -16.10 -5.55
CA SER A 76 10.35 -15.91 -4.92
C SER A 76 11.32 -16.99 -5.39
N ASN A 77 12.61 -16.65 -5.44
CA ASN A 77 13.68 -17.59 -5.77
C ASN A 77 13.32 -18.41 -7.01
N VAL A 78 13.20 -17.71 -8.13
CA VAL A 78 12.75 -18.32 -9.38
C VAL A 78 13.65 -19.50 -9.74
N GLN A 79 13.02 -20.63 -10.05
CA GLN A 79 13.71 -21.82 -10.53
C GLN A 79 13.50 -21.97 -12.03
N SER A 80 14.23 -22.92 -12.62
CA SER A 80 14.11 -23.13 -14.06
C SER A 80 12.80 -23.82 -14.43
N GLU A 81 12.25 -24.65 -13.53
CA GLU A 81 10.94 -25.24 -13.78
C GLU A 81 9.81 -24.22 -13.74
N ASP A 82 10.09 -22.98 -13.34
CA ASP A 82 9.05 -21.96 -13.23
C ASP A 82 8.89 -21.14 -14.51
N LEU A 83 9.87 -21.19 -15.41
CA LEU A 83 9.76 -20.52 -16.70
C LEU A 83 8.60 -21.12 -17.49
N ALA A 84 7.48 -20.41 -17.54
CA ALA A 84 6.27 -20.93 -18.17
C ALA A 84 5.30 -19.77 -18.39
N ASP A 85 4.07 -20.12 -18.78
CA ASP A 85 2.99 -19.14 -18.90
C ASP A 85 2.21 -19.07 -17.59
N TYR A 86 1.77 -17.87 -17.24
CA TYR A 86 1.02 -17.65 -16.00
C TYR A 86 -0.23 -16.85 -16.32
N PHE A 87 -1.39 -17.44 -16.04
CA PHE A 87 -2.68 -16.83 -16.31
C PHE A 87 -3.38 -16.50 -14.98
N CYS A 88 -3.85 -15.27 -14.86
CA CYS A 88 -4.79 -14.95 -13.79
C CYS A 88 -6.20 -15.22 -14.27
N GLN A 89 -7.12 -15.32 -13.31
CA GLN A 89 -8.50 -15.67 -13.61
C GLN A 89 -9.39 -15.18 -12.49
N GLN A 90 -10.56 -14.67 -12.85
CA GLN A 90 -11.63 -14.42 -11.91
C GLN A 90 -12.72 -15.45 -12.16
N TYR A 91 -13.18 -16.12 -11.11
CA TYR A 91 -14.14 -17.19 -11.29
C TYR A 91 -15.50 -16.84 -10.73
N SER A 92 -16.03 -15.67 -11.12
CA SER A 92 -17.41 -15.34 -10.83
C SER A 92 -18.32 -16.14 -11.75
N SER A 93 -19.60 -15.76 -11.81
CA SER A 93 -20.57 -16.54 -12.57
C SER A 93 -20.17 -16.65 -14.04
N TYR A 94 -19.61 -15.59 -14.61
CA TYR A 94 -19.07 -15.60 -15.95
C TYR A 94 -17.56 -15.47 -15.84
N ARG A 95 -16.86 -16.59 -15.93
CA ARG A 95 -15.43 -16.64 -15.67
C ARG A 95 -14.66 -16.09 -16.86
N THR A 96 -13.60 -15.34 -16.58
CA THR A 96 -12.72 -14.80 -17.61
C THR A 96 -11.27 -14.98 -17.17
N PHE A 97 -10.40 -15.17 -18.15
CA PHE A 97 -8.97 -15.36 -17.92
C PHE A 97 -8.20 -14.12 -18.36
N GLY A 98 -7.06 -13.89 -17.72
CA GLY A 98 -6.13 -12.89 -18.19
C GLY A 98 -5.38 -13.34 -19.42
N GLY A 99 -4.74 -12.37 -20.08
CA GLY A 99 -4.04 -12.66 -21.33
C GLY A 99 -2.79 -13.51 -21.17
N GLY A 100 -2.31 -13.68 -19.94
CA GLY A 100 -1.14 -14.52 -19.73
C GLY A 100 0.15 -13.73 -19.73
N THR A 101 1.14 -14.25 -19.00
CA THR A 101 2.45 -13.64 -18.93
C THR A 101 3.48 -14.75 -19.06
N LYS A 102 4.33 -14.66 -20.08
CA LYS A 102 5.35 -15.67 -20.35
C LYS A 102 6.64 -15.25 -19.65
N LEU A 103 7.18 -16.12 -18.81
CA LEU A 103 8.40 -15.85 -18.07
C LEU A 103 9.63 -16.27 -18.89
N GLU A 104 10.61 -15.38 -18.96
CA GLU A 104 11.85 -15.63 -19.67
C GLU A 104 13.04 -15.32 -18.76
N ILE A 105 14.20 -15.82 -19.16
CA ILE A 105 15.44 -15.63 -18.42
C ILE A 105 16.13 -14.37 -18.94
N LYS A 106 16.57 -13.51 -18.02
CA LYS A 106 17.31 -12.33 -18.40
C LYS A 106 18.70 -12.72 -18.91
N ARG A 107 19.16 -12.01 -19.94
CA ARG A 107 20.45 -12.31 -20.53
C ARG A 107 20.99 -11.04 -21.19
N THR A 108 22.29 -11.05 -21.47
CA THR A 108 22.91 -9.93 -22.15
C THR A 108 22.49 -9.92 -23.62
N VAL A 109 22.57 -8.74 -24.23
CA VAL A 109 22.16 -8.60 -25.63
C VAL A 109 23.09 -9.40 -26.52
N ALA A 110 22.50 -10.16 -27.45
CA ALA A 110 23.25 -10.97 -28.40
C ALA A 110 22.78 -10.64 -29.81
N ALA A 111 23.69 -10.11 -30.62
CA ALA A 111 23.39 -9.91 -32.03
C ALA A 111 23.10 -11.25 -32.69
N PRO A 112 22.16 -11.30 -33.64
CA PRO A 112 21.88 -12.56 -34.33
C PRO A 112 22.94 -12.87 -35.38
N SER A 113 23.03 -14.16 -35.71
CA SER A 113 23.83 -14.63 -36.83
C SER A 113 22.90 -14.80 -38.03
N VAL A 114 23.17 -14.07 -39.11
CA VAL A 114 22.26 -13.98 -40.24
C VAL A 114 22.79 -14.86 -41.37
N PHE A 115 21.93 -15.77 -41.83
CA PHE A 115 22.21 -16.63 -42.98
C PHE A 115 21.02 -16.58 -43.91
N ILE A 116 21.29 -16.58 -45.21
CA ILE A 116 20.25 -16.58 -46.23
C ILE A 116 20.44 -17.80 -47.12
N PHE A 117 19.33 -18.48 -47.41
CA PHE A 117 19.36 -19.71 -48.21
C PHE A 117 18.57 -19.51 -49.49
N PRO A 118 19.22 -19.56 -50.66
CA PRO A 118 18.48 -19.49 -51.93
C PRO A 118 17.64 -20.73 -52.12
N PRO A 119 16.64 -20.69 -53.01
CA PRO A 119 15.82 -21.87 -53.25
C PRO A 119 16.65 -23.02 -53.82
N SER A 120 16.41 -24.22 -53.31
CA SER A 120 17.06 -25.41 -53.85
C SER A 120 16.56 -25.67 -55.26
N ASP A 121 17.43 -26.27 -56.08
CA ASP A 121 17.03 -26.56 -57.45
C ASP A 121 15.96 -27.64 -57.52
N GLU A 122 15.90 -28.52 -56.52
CA GLU A 122 14.83 -29.52 -56.49
C GLU A 122 13.47 -28.86 -56.34
N GLN A 123 13.38 -27.82 -55.51
CA GLN A 123 12.12 -27.09 -55.37
C GLN A 123 11.80 -26.30 -56.63
N LEU A 124 12.81 -25.71 -57.26
CA LEU A 124 12.59 -24.94 -58.47
C LEU A 124 11.99 -25.79 -59.58
N LYS A 125 12.31 -27.09 -59.61
CA LYS A 125 11.67 -27.97 -60.58
C LYS A 125 10.18 -28.10 -60.32
N SER A 126 9.78 -28.10 -59.05
CA SER A 126 8.38 -28.29 -58.70
C SER A 126 7.52 -27.09 -59.06
N GLY A 127 8.12 -25.91 -59.26
CA GLY A 127 7.40 -24.74 -59.71
C GLY A 127 7.30 -23.61 -58.73
N THR A 128 7.90 -23.71 -57.55
CA THR A 128 7.89 -22.66 -56.55
C THR A 128 9.30 -22.42 -56.03
N ALA A 129 9.49 -21.26 -55.41
CA ALA A 129 10.78 -20.85 -54.90
C ALA A 129 10.62 -20.30 -53.49
N SER A 130 11.34 -20.89 -52.53
CA SER A 130 11.34 -20.43 -51.14
C SER A 130 12.73 -19.91 -50.80
N VAL A 131 12.80 -18.67 -50.33
CA VAL A 131 14.06 -18.05 -49.91
C VAL A 131 14.01 -17.90 -48.40
N VAL A 132 14.91 -18.58 -47.69
CA VAL A 132 14.90 -18.65 -46.24
C VAL A 132 16.02 -17.79 -45.69
N CYS A 133 15.70 -16.99 -44.67
CA CYS A 133 16.67 -16.20 -43.93
C CYS A 133 16.64 -16.63 -42.47
N LEU A 134 17.83 -16.85 -41.89
CA LEU A 134 17.96 -17.34 -40.53
C LEU A 134 18.58 -16.28 -39.63
N LEU A 135 17.95 -16.03 -38.49
CA LEU A 135 18.50 -15.20 -37.42
C LEU A 135 18.75 -16.13 -36.24
N ASN A 136 20.02 -16.34 -35.91
CA ASN A 136 20.42 -17.40 -35.00
C ASN A 136 20.94 -16.82 -33.68
N ASN A 137 20.38 -17.29 -32.58
CA ASN A 137 20.89 -17.07 -31.22
C ASN A 137 21.07 -15.57 -30.91
N PHE A 138 19.93 -14.89 -30.87
CA PHE A 138 19.85 -13.52 -30.36
C PHE A 138 19.00 -13.51 -29.10
N TYR A 139 19.30 -12.58 -28.18
CA TYR A 139 18.54 -12.60 -26.93
C TYR A 139 17.26 -11.78 -27.04
N PRO A 140 17.31 -10.45 -27.26
CA PRO A 140 16.04 -9.70 -27.33
C PRO A 140 15.15 -10.22 -28.44
N ARG A 141 14.01 -10.82 -28.08
CA ARG A 141 13.16 -11.50 -29.06
C ARG A 141 12.68 -10.53 -30.13
N GLU A 142 12.70 -9.23 -29.84
CA GLU A 142 12.33 -8.22 -30.82
C GLU A 142 13.30 -8.24 -31.99
N ALA A 143 12.79 -8.58 -33.16
CA ALA A 143 13.63 -8.62 -34.36
C ALA A 143 12.81 -8.19 -35.56
N LYS A 144 13.48 -7.52 -36.50
CA LYS A 144 12.86 -7.03 -37.72
C LYS A 144 13.58 -7.65 -38.91
N VAL A 145 12.82 -8.22 -39.84
CA VAL A 145 13.38 -8.83 -41.05
C VAL A 145 12.72 -8.17 -42.25
N GLN A 146 13.52 -7.57 -43.10
CA GLN A 146 13.05 -6.92 -44.33
C GLN A 146 13.59 -7.67 -45.53
N TRP A 147 12.70 -8.04 -46.45
CA TRP A 147 13.07 -8.70 -47.68
C TRP A 147 13.18 -7.68 -48.80
N LYS A 148 14.26 -7.73 -49.56
CA LYS A 148 14.47 -6.85 -50.72
C LYS A 148 14.86 -7.71 -51.91
N VAL A 149 14.04 -7.63 -52.97
CA VAL A 149 14.30 -8.30 -54.23
C VAL A 149 14.63 -7.23 -55.26
N ASP A 150 15.87 -7.22 -55.75
CA ASP A 150 16.37 -6.16 -56.62
C ASP A 150 16.20 -4.78 -55.96
N ASN A 151 16.57 -4.71 -54.68
CA ASN A 151 16.48 -3.49 -53.88
C ASN A 151 15.05 -2.99 -53.73
N ALA A 152 14.06 -3.83 -54.03
CA ALA A 152 12.65 -3.49 -53.89
C ALA A 152 12.10 -4.19 -52.65
N LEU A 153 11.60 -3.41 -51.71
CA LEU A 153 11.09 -3.96 -50.46
C LEU A 153 9.85 -4.81 -50.72
N GLN A 154 9.86 -6.03 -50.19
CA GLN A 154 8.74 -6.95 -50.35
C GLN A 154 7.78 -6.84 -49.18
N SER A 155 6.52 -7.20 -49.44
CA SER A 155 5.47 -7.13 -48.43
C SER A 155 4.44 -8.22 -48.68
N GLY A 156 4.04 -8.91 -47.61
CA GLY A 156 2.97 -9.87 -47.67
C GLY A 156 3.32 -11.22 -48.24
N ASN A 157 4.58 -11.44 -48.65
CA ASN A 157 5.01 -12.71 -49.20
C ASN A 157 6.05 -13.38 -48.30
N SER A 158 6.17 -12.95 -47.05
CA SER A 158 7.12 -13.49 -46.10
C SER A 158 6.39 -13.95 -44.85
N GLN A 159 6.68 -15.17 -44.41
CA GLN A 159 6.15 -15.72 -43.17
C GLN A 159 7.29 -15.95 -42.19
N GLU A 160 7.02 -15.69 -40.91
CA GLU A 160 8.04 -15.75 -39.88
C GLU A 160 7.69 -16.80 -38.83
N SER A 161 8.72 -17.43 -38.28
CA SER A 161 8.58 -18.38 -37.19
C SER A 161 9.73 -18.16 -36.22
N VAL A 162 9.43 -18.15 -34.92
CA VAL A 162 10.43 -17.91 -33.88
C VAL A 162 10.43 -19.08 -32.91
N THR A 163 11.61 -19.42 -32.41
CA THR A 163 11.76 -20.49 -31.43
C THR A 163 11.63 -19.92 -30.02
N GLU A 164 11.35 -20.80 -29.07
CA GLU A 164 11.35 -20.42 -27.67
C GLU A 164 12.78 -20.38 -27.13
N GLN A 165 12.94 -19.68 -26.01
CA GLN A 165 14.26 -19.44 -25.43
C GLN A 165 15.00 -20.74 -25.18
N ASP A 166 16.28 -20.76 -25.53
CA ASP A 166 17.11 -21.94 -25.35
C ASP A 166 17.32 -22.22 -23.87
N SER A 167 17.26 -23.52 -23.51
CA SER A 167 17.49 -23.92 -22.14
C SER A 167 18.87 -23.48 -21.64
N LYS A 168 19.87 -23.51 -22.51
CA LYS A 168 21.24 -23.22 -22.13
C LYS A 168 21.74 -21.88 -22.63
N ASP A 169 21.40 -21.48 -23.85
CA ASP A 169 21.87 -20.21 -24.38
C ASP A 169 21.06 -19.03 -23.87
N SER A 170 19.78 -19.25 -23.54
CA SER A 170 18.83 -18.19 -23.22
C SER A 170 18.59 -17.26 -24.40
N THR A 171 18.81 -17.75 -25.62
CA THR A 171 18.65 -16.97 -26.83
C THR A 171 17.43 -17.46 -27.62
N TYR A 172 17.10 -16.70 -28.66
CA TYR A 172 15.99 -17.04 -29.56
C TYR A 172 16.52 -17.11 -30.98
N SER A 173 15.79 -17.84 -31.82
CA SER A 173 16.12 -17.96 -33.23
C SER A 173 14.86 -17.72 -34.07
N LEU A 174 15.05 -17.13 -35.24
CA LEU A 174 13.94 -16.74 -36.09
C LEU A 174 14.24 -17.10 -37.54
N SER A 175 13.23 -17.61 -38.23
CA SER A 175 13.31 -17.92 -39.66
C SER A 175 12.29 -17.09 -40.40
N SER A 176 12.73 -16.42 -41.47
CA SER A 176 11.85 -15.70 -42.37
C SER A 176 11.90 -16.37 -43.74
N THR A 177 10.75 -16.76 -44.25
CA THR A 177 10.66 -17.52 -45.50
C THR A 177 9.91 -16.69 -46.54
N LEU A 178 10.63 -16.27 -47.58
CA LEU A 178 10.03 -15.59 -48.71
C LEU A 178 9.59 -16.63 -49.73
N THR A 179 8.30 -16.63 -50.07
CA THR A 179 7.73 -17.60 -51.00
C THR A 179 7.38 -16.87 -52.30
N LEU A 180 7.96 -17.33 -53.41
CA LEU A 180 7.77 -16.71 -54.71
C LEU A 180 7.51 -17.77 -55.76
N SER A 181 6.79 -17.38 -56.82
CA SER A 181 6.65 -18.23 -57.98
C SER A 181 8.00 -18.42 -58.67
N LYS A 182 8.19 -19.59 -59.27
CA LYS A 182 9.39 -19.86 -60.07
C LYS A 182 9.64 -18.75 -61.08
N ALA A 183 8.64 -18.41 -61.89
CA ALA A 183 8.80 -17.36 -62.89
C ALA A 183 9.20 -16.04 -62.26
N ASP A 184 8.56 -15.67 -61.15
CA ASP A 184 8.92 -14.43 -60.47
C ASP A 184 10.33 -14.49 -59.90
N TYR A 185 10.73 -15.67 -59.41
CA TYR A 185 12.09 -15.83 -58.89
C TYR A 185 13.13 -15.58 -59.98
N GLU A 186 12.88 -16.08 -61.19
CA GLU A 186 13.87 -15.95 -62.26
C GLU A 186 13.83 -14.58 -62.93
N LYS A 187 12.77 -13.81 -62.73
CA LYS A 187 12.70 -12.46 -63.27
C LYS A 187 13.57 -11.48 -62.51
N HIS A 188 14.24 -11.91 -61.44
CA HIS A 188 14.99 -11.02 -60.56
C HIS A 188 16.32 -11.65 -60.21
N LYS A 189 17.27 -10.81 -59.81
CA LYS A 189 18.65 -11.21 -59.61
C LYS A 189 19.10 -11.19 -58.15
N VAL A 190 18.92 -10.05 -57.47
CA VAL A 190 19.46 -9.85 -56.13
C VAL A 190 18.38 -10.11 -55.10
N TYR A 191 18.63 -11.05 -54.19
CA TYR A 191 17.72 -11.38 -53.09
C TYR A 191 18.44 -11.13 -51.78
N ALA A 192 17.93 -10.19 -51.00
CA ALA A 192 18.61 -9.72 -49.79
C ALA A 192 17.69 -9.84 -48.58
N CYS A 193 18.30 -10.10 -47.43
CA CYS A 193 17.60 -10.19 -46.15
C CYS A 193 18.22 -9.18 -45.19
N GLU A 194 17.49 -8.14 -44.85
CA GLU A 194 17.96 -7.10 -43.94
C GLU A 194 17.41 -7.36 -42.54
N VAL A 195 18.29 -7.31 -41.56
CA VAL A 195 17.97 -7.65 -40.18
C VAL A 195 18.23 -6.45 -39.29
N THR A 196 17.22 -6.05 -38.52
CA THR A 196 17.36 -4.99 -37.54
C THR A 196 17.22 -5.60 -36.15
N HIS A 197 18.12 -5.22 -35.24
CA HIS A 197 18.13 -5.79 -33.90
C HIS A 197 18.89 -4.86 -32.96
N GLN A 198 18.57 -4.97 -31.68
CA GLN A 198 19.19 -4.09 -30.68
C GLN A 198 20.70 -4.33 -30.60
N GLY A 199 21.13 -5.59 -30.74
CA GLY A 199 22.55 -5.91 -30.69
C GLY A 199 23.33 -5.42 -31.88
N LEU A 200 22.67 -5.19 -33.02
CA LEU A 200 23.34 -4.78 -34.24
C LEU A 200 23.50 -3.26 -34.24
N SER A 201 24.75 -2.80 -34.38
CA SER A 201 25.00 -1.37 -34.52
C SER A 201 24.19 -0.77 -35.66
N SER A 202 24.26 -1.40 -36.82
CA SER A 202 23.48 -1.02 -38.00
C SER A 202 22.75 -2.25 -38.50
N PRO A 203 21.65 -2.06 -39.24
CA PRO A 203 21.01 -3.21 -39.87
C PRO A 203 21.97 -3.94 -40.80
N VAL A 204 21.87 -5.27 -40.81
CA VAL A 204 22.79 -6.13 -41.54
C VAL A 204 22.02 -6.81 -42.67
N THR A 205 22.60 -6.80 -43.86
CA THR A 205 22.00 -7.41 -45.04
C THR A 205 22.82 -8.62 -45.48
N LYS A 206 22.12 -9.71 -45.76
CA LYS A 206 22.72 -10.92 -46.32
C LYS A 206 22.04 -11.19 -47.66
N SER A 207 22.82 -11.26 -48.72
CA SER A 207 22.28 -11.32 -50.06
C SER A 207 22.98 -12.41 -50.89
N PHE A 208 22.27 -12.87 -51.92
CA PHE A 208 22.82 -13.75 -52.92
C PHE A 208 22.34 -13.30 -54.29
N ASN A 209 23.07 -13.72 -55.32
CA ASN A 209 22.72 -13.42 -56.71
C ASN A 209 22.26 -14.70 -57.38
N ARG A 210 21.03 -14.70 -57.88
CA ARG A 210 20.44 -15.90 -58.48
C ARG A 210 21.34 -16.47 -59.57
N GLY A 211 21.79 -17.70 -59.36
CA GLY A 211 22.65 -18.41 -60.28
C GLY A 211 24.12 -18.08 -60.17
N GLU A 212 24.52 -17.36 -59.13
CA GLU A 212 25.91 -16.98 -58.92
C GLU A 212 26.38 -17.63 -57.63
N GLU B 1 -7.44 -41.55 -7.80
CA GLU B 1 -7.31 -40.10 -7.76
C GLU B 1 -8.29 -39.43 -8.73
N VAL B 2 -8.35 -38.11 -8.69
CA VAL B 2 -9.26 -37.36 -9.55
C VAL B 2 -8.62 -37.20 -10.92
N LYS B 3 -9.28 -37.70 -11.95
CA LYS B 3 -8.78 -37.67 -13.31
C LYS B 3 -9.88 -37.21 -14.27
N LEU B 4 -9.51 -36.36 -15.22
CA LEU B 4 -10.38 -35.98 -16.31
C LEU B 4 -9.69 -36.33 -17.62
N VAL B 5 -10.26 -37.27 -18.37
CA VAL B 5 -9.68 -37.78 -19.61
C VAL B 5 -10.61 -37.42 -20.75
N GLU B 6 -10.11 -36.64 -21.70
CA GLU B 6 -10.92 -36.16 -22.82
C GLU B 6 -10.73 -37.06 -24.04
N SER B 7 -11.61 -36.86 -25.02
CA SER B 7 -11.60 -37.66 -26.24
C SER B 7 -10.39 -37.31 -27.12
N GLY B 8 -10.21 -38.11 -28.17
CA GLY B 8 -9.08 -37.93 -29.06
C GLY B 8 -9.22 -36.72 -29.96
N ALA B 9 -8.11 -36.38 -30.61
CA ALA B 9 -8.06 -35.24 -31.52
C ALA B 9 -9.10 -35.39 -32.62
N GLU B 10 -9.68 -34.25 -33.02
CA GLU B 10 -10.69 -34.21 -34.06
C GLU B 10 -10.16 -33.42 -35.25
N LEU B 11 -10.30 -33.98 -36.45
CA LEU B 11 -9.92 -33.30 -37.68
C LEU B 11 -11.12 -33.36 -38.62
N VAL B 12 -11.74 -32.21 -38.85
CA VAL B 12 -13.00 -32.14 -39.59
C VAL B 12 -12.96 -30.94 -40.53
N ARG B 13 -13.87 -30.94 -41.46
CA ARG B 13 -14.11 -29.97 -42.50
C ARG B 13 -15.05 -28.87 -42.00
N PRO B 14 -14.97 -27.67 -42.54
CA PRO B 14 -15.86 -26.59 -42.08
C PRO B 14 -17.33 -26.94 -42.29
N GLY B 15 -18.16 -26.40 -41.40
CA GLY B 15 -19.59 -26.64 -41.43
C GLY B 15 -20.04 -27.92 -40.77
N THR B 16 -19.13 -28.71 -40.22
CA THR B 16 -19.47 -29.93 -39.52
C THR B 16 -19.64 -29.65 -38.03
N SER B 17 -20.06 -30.67 -37.29
CA SER B 17 -20.16 -30.61 -35.85
C SER B 17 -19.33 -31.71 -35.20
N VAL B 18 -18.69 -31.38 -34.08
CA VAL B 18 -17.93 -32.33 -33.29
C VAL B 18 -18.42 -32.27 -31.85
N LYS B 19 -18.29 -33.39 -31.14
CA LYS B 19 -18.74 -33.49 -29.76
C LYS B 19 -17.59 -34.07 -28.93
N VAL B 20 -16.94 -33.20 -28.17
CA VAL B 20 -15.82 -33.59 -27.31
C VAL B 20 -16.36 -34.20 -26.03
N SER B 21 -15.71 -35.26 -25.55
CA SER B 21 -16.08 -35.92 -24.31
C SER B 21 -15.06 -35.60 -23.22
N CYS B 22 -15.49 -35.80 -21.98
CA CYS B 22 -14.64 -35.54 -20.81
C CYS B 22 -15.02 -36.55 -19.73
N LYS B 23 -14.21 -37.60 -19.59
CA LYS B 23 -14.51 -38.68 -18.66
C LYS B 23 -13.93 -38.36 -17.30
N ALA B 24 -14.77 -38.51 -16.26
CA ALA B 24 -14.39 -38.21 -14.89
C ALA B 24 -14.26 -39.51 -14.09
N SER B 25 -13.28 -39.54 -13.19
CA SER B 25 -13.07 -40.69 -12.33
C SER B 25 -12.50 -40.22 -11.00
N GLY B 26 -12.71 -41.04 -9.97
CA GLY B 26 -12.15 -40.77 -8.66
C GLY B 26 -12.90 -39.76 -7.83
N TYR B 27 -14.12 -39.39 -8.22
CA TYR B 27 -14.94 -38.50 -7.41
C TYR B 27 -16.40 -38.66 -7.85
N ALA B 28 -17.28 -37.98 -7.12
CA ALA B 28 -18.70 -38.01 -7.41
C ALA B 28 -19.00 -37.06 -8.56
N PHE B 29 -19.28 -37.61 -9.74
CA PHE B 29 -19.48 -36.80 -10.94
C PHE B 29 -20.68 -35.87 -10.79
N THR B 30 -21.75 -36.35 -10.15
CA THR B 30 -22.98 -35.59 -10.04
C THR B 30 -22.89 -34.40 -9.09
N ASN B 31 -21.84 -34.33 -8.25
CA ASN B 31 -21.77 -33.32 -7.21
C ASN B 31 -20.77 -32.21 -7.48
N TYR B 32 -20.04 -32.26 -8.60
CA TYR B 32 -19.10 -31.21 -8.95
C TYR B 32 -19.35 -30.74 -10.38
N LEU B 33 -18.97 -29.50 -10.64
CA LEU B 33 -19.21 -28.88 -11.93
C LEU B 33 -18.16 -29.29 -12.95
N ILE B 34 -18.48 -29.08 -14.23
CA ILE B 34 -17.56 -29.33 -15.34
C ILE B 34 -17.44 -28.04 -16.13
N GLU B 35 -16.24 -27.45 -16.12
CA GLU B 35 -15.95 -26.24 -16.88
C GLU B 35 -15.32 -26.61 -18.23
N TRP B 36 -15.55 -25.75 -19.22
CA TRP B 36 -14.97 -25.92 -20.55
C TRP B 36 -14.22 -24.66 -20.96
N VAL B 37 -13.00 -24.84 -21.45
CA VAL B 37 -12.11 -23.73 -21.79
C VAL B 37 -11.55 -23.95 -23.19
N LYS B 38 -11.39 -22.88 -23.94
CA LYS B 38 -10.87 -22.92 -25.30
C LYS B 38 -9.53 -22.17 -25.35
N GLN B 39 -8.53 -22.78 -25.98
CA GLN B 39 -7.21 -22.17 -26.14
C GLN B 39 -6.80 -22.27 -27.60
N ARG B 40 -6.73 -21.13 -28.27
CA ARG B 40 -6.34 -21.01 -29.65
C ARG B 40 -4.83 -21.09 -29.80
N PRO B 41 -4.33 -21.60 -30.95
CA PRO B 41 -2.88 -21.78 -31.13
C PRO B 41 -2.07 -20.54 -30.83
N GLY B 42 -1.15 -20.64 -29.85
CA GLY B 42 -0.33 -19.53 -29.44
C GLY B 42 -1.05 -18.44 -28.68
N GLN B 43 -2.36 -18.57 -28.47
CA GLN B 43 -3.16 -17.56 -27.79
C GLN B 43 -3.45 -17.99 -26.35
N GLY B 44 -4.31 -17.24 -25.69
CA GLY B 44 -4.62 -17.46 -24.29
C GLY B 44 -5.83 -18.34 -24.06
N LEU B 45 -6.41 -18.19 -22.88
CA LEU B 45 -7.51 -19.04 -22.42
C LEU B 45 -8.83 -18.29 -22.53
N GLU B 46 -9.88 -19.03 -22.90
CA GLU B 46 -11.21 -18.45 -23.09
C GLU B 46 -12.24 -19.40 -22.53
N TRP B 47 -13.04 -18.93 -21.57
CA TRP B 47 -14.05 -19.74 -20.94
C TRP B 47 -15.26 -19.91 -21.85
N ILE B 48 -15.78 -21.14 -21.91
CA ILE B 48 -16.91 -21.45 -22.77
C ILE B 48 -18.19 -21.54 -21.95
N GLY B 49 -18.20 -22.42 -20.95
CA GLY B 49 -19.39 -22.60 -20.14
C GLY B 49 -19.15 -23.64 -19.07
N VAL B 50 -20.19 -23.84 -18.25
CA VAL B 50 -20.15 -24.80 -17.15
C VAL B 50 -21.46 -25.58 -17.15
N ILE B 51 -21.40 -26.80 -16.64
CA ILE B 51 -22.59 -27.63 -16.46
C ILE B 51 -22.52 -28.33 -15.12
N ASN B 52 -23.69 -28.50 -14.49
CA ASN B 52 -23.81 -29.32 -13.29
C ASN B 52 -24.31 -30.69 -13.73
N PRO B 53 -23.47 -31.72 -13.73
CA PRO B 53 -23.91 -33.04 -14.24
C PRO B 53 -25.11 -33.61 -13.51
N GLY B 54 -25.27 -33.31 -12.22
CA GLY B 54 -26.39 -33.86 -11.48
C GLY B 54 -27.72 -33.25 -11.90
N SER B 55 -27.75 -31.93 -12.08
CA SER B 55 -28.97 -31.22 -12.44
C SER B 55 -29.07 -30.93 -13.93
N GLY B 56 -27.98 -31.07 -14.68
CA GLY B 56 -27.98 -30.66 -16.08
C GLY B 56 -28.16 -29.17 -16.31
N GLY B 57 -27.98 -28.36 -15.27
CA GLY B 57 -28.06 -26.92 -15.44
C GLY B 57 -26.79 -26.36 -16.07
N THR B 58 -26.97 -25.41 -16.97
CA THR B 58 -25.86 -24.88 -17.77
C THR B 58 -25.87 -23.36 -17.75
N ASN B 59 -24.68 -22.78 -17.72
CA ASN B 59 -24.47 -21.36 -17.99
C ASN B 59 -23.35 -21.25 -19.02
N TYR B 60 -23.44 -20.23 -19.87
CA TYR B 60 -22.54 -20.10 -21.00
C TYR B 60 -21.95 -18.70 -21.07
N ASN B 61 -20.72 -18.63 -21.56
CA ASN B 61 -20.20 -17.38 -22.10
C ASN B 61 -21.12 -16.94 -23.23
N GLU B 62 -21.56 -15.68 -23.19
CA GLU B 62 -22.56 -15.21 -24.13
C GLU B 62 -22.08 -15.36 -25.58
N LYS B 63 -20.77 -15.34 -25.79
CA LYS B 63 -20.22 -15.53 -27.13
C LYS B 63 -20.53 -16.93 -27.66
N PHE B 64 -20.61 -17.92 -26.79
CA PHE B 64 -20.75 -19.31 -27.21
C PHE B 64 -22.19 -19.84 -27.12
N LYS B 65 -23.15 -19.02 -26.70
CA LYS B 65 -24.54 -19.45 -26.70
C LYS B 65 -25.01 -19.64 -28.14
N GLY B 66 -25.50 -20.83 -28.45
CA GLY B 66 -25.87 -21.19 -29.80
C GLY B 66 -24.78 -21.85 -30.59
N LYS B 67 -23.53 -21.81 -30.11
CA LYS B 67 -22.41 -22.46 -30.75
C LYS B 67 -22.02 -23.75 -30.03
N ALA B 68 -21.77 -23.66 -28.72
CA ALA B 68 -21.42 -24.81 -27.90
C ALA B 68 -22.63 -25.24 -27.08
N THR B 69 -22.91 -26.54 -27.09
CA THR B 69 -23.97 -27.12 -26.27
C THR B 69 -23.34 -28.12 -25.30
N LEU B 70 -23.50 -27.86 -24.01
CA LEU B 70 -22.94 -28.69 -22.95
C LEU B 70 -23.99 -29.68 -22.45
N THR B 71 -23.63 -30.96 -22.45
CA THR B 71 -24.47 -32.01 -21.89
C THR B 71 -23.62 -32.87 -20.96
N ALA B 72 -24.28 -33.77 -20.24
CA ALA B 72 -23.60 -34.67 -19.32
C ALA B 72 -24.39 -35.97 -19.21
N ASP B 73 -23.67 -37.09 -19.17
CA ASP B 73 -24.25 -38.39 -18.95
C ASP B 73 -23.84 -38.88 -17.56
N LYS B 74 -24.83 -39.06 -16.68
CA LYS B 74 -24.54 -39.45 -15.31
C LYS B 74 -24.08 -40.90 -15.24
N SER B 75 -24.70 -41.77 -16.05
CA SER B 75 -24.33 -43.19 -16.07
C SER B 75 -22.84 -43.36 -16.37
N SER B 76 -22.35 -42.69 -17.41
CA SER B 76 -20.97 -42.85 -17.85
C SER B 76 -20.00 -41.90 -17.17
N SER B 77 -20.50 -40.96 -16.37
CA SER B 77 -19.67 -39.94 -15.72
C SER B 77 -18.88 -39.12 -16.74
N THR B 78 -19.47 -38.90 -17.92
CA THR B 78 -18.84 -38.17 -19.01
C THR B 78 -19.61 -36.90 -19.31
N ALA B 79 -18.89 -35.79 -19.40
CA ALA B 79 -19.44 -34.55 -19.94
C ALA B 79 -19.16 -34.46 -21.43
N TYR B 80 -20.04 -33.76 -22.14
CA TYR B 80 -19.90 -33.57 -23.58
C TYR B 80 -20.01 -32.10 -23.93
N MET B 81 -19.26 -31.68 -24.95
CA MET B 81 -19.36 -30.34 -25.51
C MET B 81 -19.53 -30.46 -27.02
N GLN B 82 -20.66 -30.00 -27.53
CA GLN B 82 -20.97 -30.06 -28.96
C GLN B 82 -20.75 -28.68 -29.58
N LEU B 83 -19.87 -28.62 -30.58
CA LEU B 83 -19.67 -27.41 -31.38
C LEU B 83 -20.24 -27.64 -32.77
N THR B 84 -21.05 -26.70 -33.23
CA THR B 84 -21.69 -26.78 -34.54
C THR B 84 -21.13 -25.72 -35.47
N SER B 85 -21.42 -25.89 -36.77
CA SER B 85 -21.04 -24.94 -37.82
C SER B 85 -19.58 -24.54 -37.69
N LEU B 86 -18.71 -25.54 -37.69
CA LEU B 86 -17.30 -25.32 -37.40
C LEU B 86 -16.64 -24.47 -38.49
N THR B 87 -15.83 -23.51 -38.05
CA THR B 87 -15.04 -22.65 -38.92
C THR B 87 -13.60 -22.67 -38.44
N SER B 88 -12.73 -21.97 -39.18
CA SER B 88 -11.32 -21.89 -38.82
C SER B 88 -11.13 -21.29 -37.43
N ASP B 89 -12.00 -20.36 -37.03
CA ASP B 89 -11.89 -19.73 -35.72
C ASP B 89 -12.13 -20.73 -34.57
N ASP B 90 -12.72 -21.88 -34.87
CA ASP B 90 -12.96 -22.90 -33.87
C ASP B 90 -11.78 -23.85 -33.70
N SER B 91 -10.76 -23.76 -34.56
CA SER B 91 -9.57 -24.56 -34.40
C SER B 91 -8.81 -24.13 -33.15
N ALA B 92 -8.71 -25.02 -32.18
CA ALA B 92 -8.10 -24.71 -30.89
C ALA B 92 -7.97 -26.00 -30.10
N VAL B 93 -7.47 -25.87 -28.88
CA VAL B 93 -7.42 -26.96 -27.90
C VAL B 93 -8.49 -26.68 -26.85
N TYR B 94 -9.34 -27.67 -26.59
CA TYR B 94 -10.46 -27.52 -25.68
C TYR B 94 -10.21 -28.35 -24.42
N PHE B 95 -10.13 -27.67 -23.27
CA PHE B 95 -9.92 -28.30 -21.98
C PHE B 95 -11.23 -28.38 -21.21
N CYS B 96 -11.48 -29.51 -20.58
CA CYS B 96 -12.51 -29.62 -19.56
C CYS B 96 -11.85 -29.56 -18.18
N ALA B 97 -12.56 -28.96 -17.23
CA ALA B 97 -12.06 -28.81 -15.87
C ALA B 97 -13.19 -28.96 -14.87
N SER B 98 -12.83 -29.23 -13.63
CA SER B 98 -13.79 -29.34 -12.54
C SER B 98 -13.34 -28.43 -11.40
N PRO B 99 -14.17 -27.49 -10.96
CA PRO B 99 -13.76 -26.54 -9.94
C PRO B 99 -14.10 -27.00 -8.53
N SER B 100 -13.34 -26.47 -7.57
CA SER B 100 -13.64 -26.68 -6.17
C SER B 100 -14.80 -25.78 -5.75
N LEU B 101 -15.23 -25.93 -4.49
CA LEU B 101 -16.34 -25.11 -3.99
C LEU B 101 -16.00 -23.63 -4.00
N TYR B 102 -14.72 -23.26 -4.06
CA TYR B 102 -14.36 -21.86 -4.19
C TYR B 102 -14.65 -21.34 -5.59
N GLY B 103 -14.46 -22.17 -6.61
CA GLY B 103 -14.62 -21.77 -8.00
C GLY B 103 -13.37 -21.92 -8.84
N SER B 104 -12.19 -21.97 -8.21
CA SER B 104 -10.96 -22.19 -8.95
C SER B 104 -10.96 -23.55 -9.64
N PHE B 105 -10.34 -23.60 -10.81
CA PHE B 105 -10.29 -24.82 -11.61
C PHE B 105 -9.15 -25.69 -11.10
N ASP B 106 -9.49 -26.62 -10.19
CA ASP B 106 -8.46 -27.42 -9.54
C ASP B 106 -7.95 -28.53 -10.44
N TYR B 107 -8.84 -29.24 -11.14
CA TYR B 107 -8.48 -30.40 -11.93
C TYR B 107 -8.81 -30.14 -13.39
N TRP B 108 -7.83 -30.40 -14.26
CA TRP B 108 -7.95 -30.16 -15.69
C TRP B 108 -7.79 -31.47 -16.47
N GLY B 109 -8.45 -31.53 -17.62
CA GLY B 109 -8.23 -32.61 -18.55
C GLY B 109 -6.98 -32.40 -19.39
N GLN B 110 -6.64 -33.42 -20.18
CA GLN B 110 -5.42 -33.33 -20.98
C GLN B 110 -5.58 -32.38 -22.17
N GLY B 111 -6.78 -32.27 -22.72
CA GLY B 111 -7.02 -31.38 -23.84
C GLY B 111 -7.35 -32.16 -25.09
N THR B 112 -8.33 -31.66 -25.85
CA THR B 112 -8.72 -32.23 -27.13
C THR B 112 -8.48 -31.19 -28.22
N THR B 113 -7.64 -31.54 -29.19
CA THR B 113 -7.34 -30.67 -30.32
C THR B 113 -8.40 -30.84 -31.40
N VAL B 114 -9.08 -29.76 -31.76
CA VAL B 114 -10.03 -29.74 -32.85
C VAL B 114 -9.44 -28.87 -33.96
N THR B 115 -9.23 -29.46 -35.13
CA THR B 115 -8.66 -28.77 -36.28
C THR B 115 -9.69 -28.76 -37.40
N VAL B 116 -10.08 -27.56 -37.83
CA VAL B 116 -11.07 -27.38 -38.89
C VAL B 116 -10.33 -26.93 -40.15
N SER B 117 -10.37 -27.78 -41.18
CA SER B 117 -9.68 -27.49 -42.43
C SER B 117 -10.33 -28.25 -43.55
N SER B 118 -10.25 -27.68 -44.75
CA SER B 118 -10.67 -28.37 -45.97
C SER B 118 -9.52 -29.05 -46.69
N ALA B 119 -8.29 -28.87 -46.22
CA ALA B 119 -7.14 -29.50 -46.83
C ALA B 119 -7.14 -31.00 -46.57
N SER B 120 -6.47 -31.73 -47.45
CA SER B 120 -6.37 -33.18 -47.37
C SER B 120 -5.01 -33.58 -46.81
N THR B 121 -4.99 -34.70 -46.09
CA THR B 121 -3.75 -35.23 -45.54
C THR B 121 -2.70 -35.38 -46.63
N LYS B 122 -1.53 -34.78 -46.40
CA LYS B 122 -0.47 -34.72 -47.41
C LYS B 122 0.89 -34.81 -46.73
N GLY B 123 1.78 -35.57 -47.36
CA GLY B 123 3.15 -35.66 -46.90
C GLY B 123 3.96 -34.47 -47.33
N PRO B 124 5.00 -34.15 -46.57
CA PRO B 124 5.82 -32.98 -46.88
C PRO B 124 6.81 -33.24 -48.00
N SER B 125 7.29 -32.16 -48.59
CA SER B 125 8.42 -32.17 -49.51
C SER B 125 9.62 -31.57 -48.79
N VAL B 126 10.73 -32.31 -48.75
CA VAL B 126 11.91 -31.91 -47.99
C VAL B 126 12.96 -31.42 -48.98
N PHE B 127 13.33 -30.15 -48.84
CA PHE B 127 14.32 -29.52 -49.69
C PHE B 127 15.50 -29.04 -48.84
N PRO B 128 16.73 -29.24 -49.32
CA PRO B 128 17.89 -28.85 -48.52
C PRO B 128 18.11 -27.35 -48.51
N LEU B 129 18.64 -26.87 -47.40
CA LEU B 129 19.11 -25.49 -47.26
C LEU B 129 20.63 -25.60 -47.15
N ALA B 130 21.32 -25.38 -48.26
CA ALA B 130 22.72 -25.78 -48.30
C ALA B 130 23.61 -24.70 -47.70
N PRO B 131 24.66 -25.10 -46.99
CA PRO B 131 25.62 -24.14 -46.44
C PRO B 131 26.66 -23.72 -47.47
N SER B 132 27.19 -22.51 -47.28
CA SER B 132 28.20 -21.97 -48.17
C SER B 132 29.25 -21.21 -47.38
N SER B 133 28.80 -20.27 -46.56
CA SER B 133 29.66 -19.50 -45.65
C SER B 133 30.88 -18.91 -46.35
N GLY B 139 32.56 -17.43 -38.83
CA GLY B 139 33.39 -18.55 -38.44
C GLY B 139 32.63 -19.85 -38.38
N THR B 140 31.31 -19.75 -38.34
CA THR B 140 30.44 -20.92 -38.31
C THR B 140 29.56 -20.96 -39.55
N ALA B 141 29.11 -22.15 -39.89
CA ALA B 141 28.25 -22.39 -41.04
C ALA B 141 26.87 -22.85 -40.60
N ALA B 142 25.86 -22.49 -41.38
CA ALA B 142 24.48 -22.86 -41.10
C ALA B 142 23.92 -23.67 -42.26
N LEU B 143 23.12 -24.67 -41.93
CA LEU B 143 22.47 -25.52 -42.93
C LEU B 143 21.16 -26.01 -42.34
N GLY B 144 20.30 -26.55 -43.21
CA GLY B 144 19.01 -26.99 -42.73
C GLY B 144 18.21 -27.69 -43.81
N CYS B 145 16.98 -28.05 -43.44
CA CYS B 145 16.04 -28.70 -44.34
C CYS B 145 14.73 -27.93 -44.33
N LEU B 146 14.16 -27.72 -45.51
CA LEU B 146 12.88 -27.06 -45.66
C LEU B 146 11.80 -28.12 -45.79
N VAL B 147 10.96 -28.24 -44.76
CA VAL B 147 9.87 -29.22 -44.73
C VAL B 147 8.61 -28.45 -45.11
N LYS B 148 8.15 -28.64 -46.35
CA LYS B 148 7.13 -27.77 -46.94
C LYS B 148 5.89 -28.55 -47.34
N ASP B 149 4.73 -27.92 -47.17
CA ASP B 149 3.46 -28.39 -47.73
C ASP B 149 3.05 -29.75 -47.16
N TYR B 150 2.90 -29.80 -45.84
CA TYR B 150 2.39 -30.99 -45.18
C TYR B 150 1.15 -30.65 -44.37
N PHE B 151 0.28 -31.66 -44.21
CA PHE B 151 -0.93 -31.53 -43.42
C PHE B 151 -1.36 -32.92 -42.99
N PRO B 152 -1.81 -33.12 -41.74
CA PRO B 152 -1.81 -32.13 -40.67
C PRO B 152 -0.52 -32.17 -39.88
N GLU B 153 -0.48 -31.42 -38.80
CA GLU B 153 0.61 -31.53 -37.87
C GLU B 153 0.37 -32.76 -36.97
N PRO B 154 1.44 -33.33 -36.37
CA PRO B 154 2.81 -32.83 -36.32
C PRO B 154 3.77 -33.47 -37.33
N VAL B 155 4.97 -32.90 -37.40
CA VAL B 155 6.11 -33.49 -38.10
C VAL B 155 7.29 -33.44 -37.15
N THR B 156 8.14 -34.48 -37.20
CA THR B 156 9.34 -34.54 -36.40
C THR B 156 10.57 -34.54 -37.30
N VAL B 157 11.58 -33.77 -36.91
CA VAL B 157 12.84 -33.68 -37.65
C VAL B 157 13.97 -34.03 -36.71
N SER B 158 14.78 -35.01 -37.10
CA SER B 158 16.02 -35.32 -36.41
C SER B 158 17.18 -35.17 -37.38
N TRP B 159 18.38 -34.97 -36.82
CA TRP B 159 19.59 -34.80 -37.62
C TRP B 159 20.55 -35.93 -37.32
N ASN B 160 20.98 -36.62 -38.39
CA ASN B 160 21.91 -37.74 -38.29
C ASN B 160 21.37 -38.85 -37.39
N SER B 161 20.06 -39.12 -37.52
CA SER B 161 19.38 -40.18 -36.77
C SER B 161 19.50 -39.98 -35.26
N GLY B 162 19.64 -38.73 -34.82
CA GLY B 162 19.74 -38.42 -33.41
C GLY B 162 21.13 -38.11 -32.93
N ALA B 163 22.16 -38.32 -33.76
CA ALA B 163 23.53 -38.08 -33.33
C ALA B 163 23.86 -36.59 -33.21
N LEU B 164 23.13 -35.73 -33.93
CA LEU B 164 23.39 -34.30 -33.92
C LEU B 164 22.20 -33.59 -33.31
N THR B 165 22.44 -32.94 -32.15
CA THR B 165 21.40 -32.20 -31.45
C THR B 165 21.82 -30.79 -31.05
N SER B 166 23.11 -30.51 -30.95
CA SER B 166 23.58 -29.19 -30.57
C SER B 166 23.48 -28.24 -31.76
N GLY B 167 22.94 -27.04 -31.52
CA GLY B 167 22.74 -26.07 -32.57
C GLY B 167 21.50 -26.28 -33.40
N VAL B 168 20.74 -27.35 -33.15
CA VAL B 168 19.55 -27.64 -33.95
C VAL B 168 18.41 -26.76 -33.49
N HIS B 169 17.81 -26.03 -34.43
CA HIS B 169 16.59 -25.24 -34.22
C HIS B 169 15.55 -25.72 -35.22
N THR B 170 14.58 -26.49 -34.74
CA THR B 170 13.42 -26.86 -35.55
C THR B 170 12.32 -25.85 -35.29
N PHE B 171 12.06 -25.00 -36.28
CA PHE B 171 11.14 -23.89 -36.07
C PHE B 171 9.70 -24.37 -36.02
N PRO B 172 8.85 -23.77 -35.19
CA PRO B 172 7.42 -24.06 -35.26
C PRO B 172 6.89 -23.77 -36.66
N ALA B 173 6.05 -24.67 -37.16
CA ALA B 173 5.48 -24.52 -38.49
C ALA B 173 4.61 -23.27 -38.58
N VAL B 174 4.56 -22.70 -39.77
CA VAL B 174 3.58 -21.67 -40.10
C VAL B 174 2.52 -22.29 -41.01
N LEU B 175 1.36 -21.68 -41.03
CA LEU B 175 0.26 -22.14 -41.88
C LEU B 175 0.18 -21.25 -43.11
N GLN B 176 0.21 -21.88 -44.27
CA GLN B 176 0.23 -21.16 -45.54
C GLN B 176 -1.18 -20.95 -46.07
N SER B 177 -1.30 -19.99 -47.00
CA SER B 177 -2.60 -19.68 -47.60
C SER B 177 -3.25 -20.91 -48.24
N SER B 178 -2.45 -21.89 -48.64
CA SER B 178 -2.99 -23.14 -49.18
C SER B 178 -3.65 -24.00 -48.12
N GLY B 179 -3.52 -23.66 -46.85
CA GLY B 179 -3.99 -24.51 -45.77
C GLY B 179 -3.00 -25.57 -45.34
N LEU B 180 -1.79 -25.55 -45.86
CA LEU B 180 -0.75 -26.52 -45.56
C LEU B 180 0.33 -25.90 -44.69
N TYR B 181 1.04 -26.76 -43.96
CA TYR B 181 2.06 -26.32 -43.03
C TYR B 181 3.45 -26.41 -43.67
N SER B 182 4.36 -25.57 -43.17
CA SER B 182 5.75 -25.57 -43.62
C SER B 182 6.63 -25.08 -42.48
N LEU B 183 7.81 -25.69 -42.37
CA LEU B 183 8.77 -25.28 -41.36
C LEU B 183 10.18 -25.50 -41.89
N SER B 184 11.15 -24.91 -41.20
CA SER B 184 12.56 -25.15 -41.47
C SER B 184 13.22 -25.68 -40.20
N SER B 185 14.07 -26.68 -40.36
CA SER B 185 14.90 -27.20 -39.28
C SER B 185 16.35 -26.86 -39.62
N VAL B 186 16.95 -26.00 -38.82
CA VAL B 186 18.29 -25.49 -39.08
C VAL B 186 19.24 -25.98 -38.00
N VAL B 187 20.50 -26.16 -38.38
CA VAL B 187 21.57 -26.48 -37.45
C VAL B 187 22.80 -25.65 -37.84
N THR B 188 23.52 -25.16 -36.84
CA THR B 188 24.77 -24.44 -37.06
C THR B 188 25.94 -25.35 -36.68
N VAL B 189 26.98 -25.32 -37.48
CA VAL B 189 28.18 -26.13 -37.26
C VAL B 189 29.41 -25.31 -37.61
N PRO B 190 30.56 -25.66 -37.05
CA PRO B 190 31.81 -25.03 -37.47
C PRO B 190 32.06 -25.30 -38.96
N SER B 191 32.55 -24.27 -39.66
CA SER B 191 32.79 -24.38 -41.10
C SER B 191 33.77 -25.49 -41.42
N SER B 192 34.67 -25.83 -40.50
CA SER B 192 35.60 -26.92 -40.71
C SER B 192 34.87 -28.26 -40.82
N SER B 193 33.77 -28.42 -40.07
CA SER B 193 33.02 -29.68 -40.08
C SER B 193 32.35 -29.95 -41.42
N LEU B 194 32.19 -28.93 -42.27
CA LEU B 194 31.49 -29.11 -43.54
C LEU B 194 32.05 -30.26 -44.36
N GLY B 195 33.37 -30.46 -44.31
CA GLY B 195 33.99 -31.55 -45.03
C GLY B 195 34.37 -32.74 -44.19
N THR B 196 34.22 -32.65 -42.86
CA THR B 196 34.49 -33.78 -41.97
C THR B 196 33.23 -34.53 -41.54
N GLN B 197 32.04 -34.08 -41.94
CA GLN B 197 30.81 -34.72 -41.47
C GLN B 197 29.72 -34.67 -42.52
N THR B 198 28.94 -35.74 -42.60
CA THR B 198 27.72 -35.79 -43.39
C THR B 198 26.52 -35.40 -42.53
N TYR B 199 25.64 -34.58 -43.11
CA TYR B 199 24.47 -34.06 -42.40
C TYR B 199 23.21 -34.55 -43.10
N ILE B 200 22.43 -35.38 -42.41
CA ILE B 200 21.19 -35.94 -42.94
C ILE B 200 20.06 -35.56 -41.99
N CYS B 201 19.09 -34.81 -42.50
CA CYS B 201 17.87 -34.52 -41.74
C CYS B 201 16.87 -35.64 -41.97
N ASN B 202 16.27 -36.12 -40.88
CA ASN B 202 15.28 -37.19 -40.92
C ASN B 202 13.92 -36.60 -40.60
N VAL B 203 13.01 -36.64 -41.56
CA VAL B 203 11.69 -36.02 -41.44
C VAL B 203 10.65 -37.13 -41.41
N ASN B 204 9.94 -37.24 -40.29
CA ASN B 204 8.86 -38.21 -40.12
C ASN B 204 7.54 -37.46 -39.99
N HIS B 205 6.58 -37.79 -40.86
CA HIS B 205 5.22 -37.27 -40.80
C HIS B 205 4.28 -38.47 -40.72
N LYS B 206 3.99 -38.92 -39.50
CA LYS B 206 3.17 -40.12 -39.33
C LYS B 206 1.75 -39.99 -39.88
N PRO B 207 1.05 -38.86 -39.77
CA PRO B 207 -0.30 -38.79 -40.34
C PRO B 207 -0.38 -39.21 -41.80
N SER B 208 0.69 -39.01 -42.58
CA SER B 208 0.73 -39.47 -43.96
C SER B 208 1.61 -40.70 -44.15
N ASN B 209 2.30 -41.17 -43.10
CA ASN B 209 3.24 -42.29 -43.15
C ASN B 209 4.38 -42.05 -44.13
N THR B 210 4.70 -40.79 -44.40
CA THR B 210 5.85 -40.46 -45.23
C THR B 210 7.07 -40.27 -44.34
N LYS B 211 8.15 -40.99 -44.66
CA LYS B 211 9.45 -40.80 -44.03
C LYS B 211 10.47 -40.45 -45.10
N VAL B 212 11.22 -39.39 -44.84
CA VAL B 212 12.16 -38.85 -45.82
C VAL B 212 13.45 -38.49 -45.09
N ASP B 213 14.56 -39.02 -45.59
CA ASP B 213 15.89 -38.57 -45.21
C ASP B 213 16.47 -37.80 -46.38
N LYS B 214 17.14 -36.70 -46.08
CA LYS B 214 17.72 -35.86 -47.12
C LYS B 214 19.10 -35.40 -46.67
N ARG B 215 20.12 -35.75 -47.44
CA ARG B 215 21.48 -35.32 -47.18
C ARG B 215 21.67 -33.88 -47.64
N VAL B 216 22.25 -33.06 -46.77
CA VAL B 216 22.48 -31.65 -47.04
C VAL B 216 23.97 -31.51 -47.33
N GLU B 217 24.33 -31.42 -48.62
CA GLU B 217 25.73 -31.38 -48.99
C GLU B 217 26.19 -29.95 -49.26
N PRO B 218 27.44 -29.63 -48.93
CA PRO B 218 27.96 -28.30 -49.25
C PRO B 218 28.07 -28.11 -50.76
N LYS B 219 27.80 -26.88 -51.20
CA LYS B 219 27.95 -26.56 -52.62
C LYS B 219 29.17 -25.68 -52.85
N SER C 5 -3.88 -14.97 25.25
CA SER C 5 -5.36 -15.18 25.29
C SER C 5 -5.96 -15.22 23.89
N MET C 6 -7.22 -15.66 23.78
CA MET C 6 -7.93 -15.67 22.49
C MET C 6 -8.45 -14.26 22.25
N SER C 7 -7.90 -13.57 21.26
CA SER C 7 -8.43 -12.24 20.89
C SER C 7 -9.66 -12.41 20.01
N GLU C 8 -10.39 -11.34 19.81
CA GLU C 8 -11.51 -11.41 18.87
C GLU C 8 -11.02 -11.66 17.45
N GLU C 9 -9.86 -11.10 17.10
CA GLU C 9 -9.31 -11.30 15.76
C GLU C 9 -8.72 -12.70 15.61
N GLN C 10 -8.12 -13.25 16.65
CA GLN C 10 -7.63 -14.62 16.57
C GLN C 10 -8.77 -15.59 16.33
N VAL C 11 -9.94 -15.33 16.91
CA VAL C 11 -11.11 -16.14 16.61
C VAL C 11 -11.53 -15.96 15.16
N ALA C 12 -11.44 -14.74 14.65
CA ALA C 12 -11.83 -14.47 13.26
C ALA C 12 -10.92 -15.20 12.28
N GLN C 13 -9.61 -15.15 12.51
CA GLN C 13 -8.67 -15.88 11.66
C GLN C 13 -8.92 -17.38 11.74
N ASP C 14 -9.04 -17.92 12.96
CA ASP C 14 -9.30 -19.34 13.13
C ASP C 14 -10.61 -19.77 12.49
N THR C 15 -11.56 -18.85 12.29
CA THR C 15 -12.84 -19.21 11.72
C THR C 15 -12.72 -19.67 10.27
N GLU C 16 -11.70 -19.19 9.56
CA GLU C 16 -11.51 -19.62 8.17
C GLU C 16 -11.23 -21.11 8.08
N GLU C 17 -10.26 -21.59 8.86
CA GLU C 17 -9.93 -23.00 8.86
C GLU C 17 -11.08 -23.84 9.42
N VAL C 18 -11.70 -23.38 10.51
CA VAL C 18 -12.81 -24.12 11.10
C VAL C 18 -13.94 -24.30 10.09
N PHE C 19 -14.30 -23.22 9.39
CA PHE C 19 -15.38 -23.29 8.42
C PHE C 19 -14.99 -24.14 7.21
N ARG C 20 -13.75 -24.03 6.75
CA ARG C 20 -13.30 -24.85 5.63
C ARG C 20 -13.38 -26.33 5.97
N SER C 21 -12.82 -26.71 7.12
CA SER C 21 -12.88 -28.11 7.53
C SER C 21 -14.32 -28.56 7.77
N TYR C 22 -15.15 -27.68 8.34
CA TYR C 22 -16.56 -27.99 8.54
C TYR C 22 -17.24 -28.29 7.20
N VAL C 23 -16.98 -27.45 6.20
CA VAL C 23 -17.60 -27.65 4.89
C VAL C 23 -17.10 -28.94 4.24
N PHE C 24 -15.79 -29.20 4.34
CA PHE C 24 -15.22 -30.42 3.77
C PHE C 24 -15.88 -31.66 4.36
N TYR C 25 -15.96 -31.74 5.68
CA TYR C 25 -16.47 -32.94 6.32
C TYR C 25 -17.99 -33.06 6.19
N ARG C 26 -18.70 -31.93 6.17
CA ARG C 26 -20.14 -31.99 5.93
C ARG C 26 -20.44 -32.51 4.53
N HIS C 27 -19.70 -32.01 3.54
CA HIS C 27 -19.88 -32.47 2.17
C HIS C 27 -19.54 -33.96 2.02
N GLN C 28 -18.48 -34.40 2.69
CA GLN C 28 -18.09 -35.81 2.62
C GLN C 28 -19.17 -36.71 3.19
N GLN C 29 -19.69 -36.37 4.38
CA GLN C 29 -20.77 -37.16 4.96
C GLN C 29 -22.01 -37.14 4.07
N GLU C 30 -22.31 -35.99 3.47
CA GLU C 30 -23.49 -35.87 2.63
C GLU C 30 -23.35 -36.68 1.35
N GLN C 31 -22.12 -36.88 0.87
CA GLN C 31 -21.92 -37.68 -0.34
C GLN C 31 -21.91 -39.18 -0.05
N GLU C 32 -21.46 -39.58 1.14
CA GLU C 32 -21.53 -40.99 1.52
C GLU C 32 -22.98 -41.40 1.79
N ALA C 33 -23.74 -40.54 2.45
CA ALA C 33 -25.13 -40.85 2.75
C ALA C 33 -26.02 -40.75 1.52
N GLU C 34 -25.66 -39.89 0.56
CA GLU C 34 -26.44 -39.81 -0.68
C GLU C 34 -26.47 -41.15 -1.42
N GLY C 35 -25.43 -41.96 -1.31
CA GLY C 35 -25.37 -43.26 -1.96
C GLY C 35 -24.07 -43.98 -1.70
N PRO C 51 -7.34 -34.51 9.54
CA PRO C 51 -7.38 -33.05 9.68
C PRO C 51 -6.00 -32.43 9.84
N SER C 52 -5.30 -32.85 10.90
CA SER C 52 -3.93 -32.40 11.19
C SER C 52 -3.86 -30.91 11.49
N SER C 53 -4.96 -30.34 11.98
CA SER C 53 -4.97 -28.98 12.49
C SER C 53 -5.96 -28.90 13.63
N THR C 54 -5.66 -28.05 14.63
CA THR C 54 -6.56 -27.90 15.77
C THR C 54 -7.90 -27.34 15.33
N MET C 55 -7.90 -26.34 14.44
CA MET C 55 -9.13 -25.79 13.90
C MET C 55 -9.79 -26.76 12.94
N GLY C 56 -9.03 -27.66 12.32
CA GLY C 56 -9.63 -28.68 11.49
C GLY C 56 -10.35 -29.74 12.30
N GLN C 57 -9.82 -30.06 13.49
CA GLN C 57 -10.51 -30.96 14.39
C GLN C 57 -11.81 -30.34 14.90
N VAL C 58 -11.78 -29.04 15.25
CA VAL C 58 -12.98 -28.34 15.64
C VAL C 58 -14.04 -28.40 14.54
N GLY C 59 -13.65 -28.03 13.32
CA GLY C 59 -14.57 -28.11 12.20
C GLY C 59 -15.17 -29.49 12.02
N ARG C 60 -14.34 -30.53 12.16
CA ARG C 60 -14.81 -31.89 11.97
C ARG C 60 -15.74 -32.33 13.10
N GLN C 61 -15.41 -31.96 14.34
CA GLN C 61 -16.28 -32.29 15.47
C GLN C 61 -17.62 -31.58 15.37
N LEU C 62 -17.65 -30.37 14.81
CA LEU C 62 -18.92 -29.67 14.62
C LEU C 62 -19.68 -30.18 13.40
N ALA C 63 -18.97 -30.74 12.42
CA ALA C 63 -19.64 -31.28 11.24
C ALA C 63 -20.35 -32.59 11.55
N ILE C 64 -19.81 -33.39 12.48
CA ILE C 64 -20.35 -34.71 12.73
C ILE C 64 -21.60 -34.67 13.61
N ILE C 65 -21.70 -33.70 14.52
CA ILE C 65 -22.78 -33.68 15.50
C ILE C 65 -24.13 -33.70 14.78
N GLY C 66 -24.96 -34.68 15.14
CA GLY C 66 -26.28 -34.78 14.55
C GLY C 66 -27.36 -34.95 15.60
N ASP C 67 -27.64 -33.88 16.35
CA ASP C 67 -28.74 -33.90 17.29
C ASP C 67 -30.02 -33.50 16.56
N ASP C 68 -31.12 -33.39 17.31
CA ASP C 68 -32.40 -33.11 16.67
C ASP C 68 -32.60 -31.64 16.35
N ILE C 69 -31.83 -30.74 16.98
CA ILE C 69 -31.95 -29.33 16.63
C ILE C 69 -31.16 -28.99 15.38
N ASN C 70 -29.95 -29.54 15.23
CA ASN C 70 -29.16 -29.27 14.03
C ASN C 70 -29.78 -29.93 12.80
N ARG C 71 -30.30 -31.14 12.95
CA ARG C 71 -31.03 -31.77 11.85
C ARG C 71 -32.26 -30.96 11.49
N ARG C 72 -32.90 -30.34 12.47
CA ARG C 72 -34.02 -29.44 12.19
C ARG C 72 -33.53 -28.17 11.50
N TYR C 73 -32.44 -27.59 12.01
CA TYR C 73 -31.84 -26.43 11.38
C TYR C 73 -31.55 -26.67 9.89
N ASP C 74 -30.98 -27.84 9.58
CA ASP C 74 -30.64 -28.16 8.20
C ASP C 74 -31.90 -28.27 7.35
N SER C 75 -32.97 -28.83 7.91
CA SER C 75 -34.23 -28.93 7.17
C SER C 75 -34.78 -27.54 6.84
N GLU C 76 -34.65 -26.59 7.76
CA GLU C 76 -35.11 -25.23 7.50
C GLU C 76 -34.24 -24.56 6.44
N PHE C 77 -32.91 -24.70 6.57
CA PHE C 77 -32.00 -24.09 5.61
C PHE C 77 -32.27 -24.61 4.19
N GLN C 78 -32.50 -25.91 4.05
CA GLN C 78 -32.72 -26.49 2.73
C GLN C 78 -34.04 -26.01 2.14
N THR C 79 -35.12 -26.03 2.93
CA THR C 79 -36.43 -25.68 2.42
C THR C 79 -36.46 -24.24 1.90
N MET C 80 -35.92 -23.30 2.66
CA MET C 80 -35.92 -21.92 2.22
C MET C 80 -35.05 -21.71 0.99
N LEU C 81 -33.93 -22.44 0.90
CA LEU C 81 -33.05 -22.28 -0.27
C LEU C 81 -33.69 -22.89 -1.51
N GLN C 82 -34.40 -24.01 -1.35
CA GLN C 82 -35.13 -24.58 -2.48
C GLN C 82 -36.28 -23.69 -2.91
N HIS C 83 -36.85 -22.92 -1.97
CA HIS C 83 -37.98 -22.05 -2.29
C HIS C 83 -37.51 -20.73 -2.92
N LEU C 84 -36.61 -20.04 -2.24
CA LEU C 84 -36.00 -18.81 -2.76
C LEU C 84 -34.53 -19.11 -3.03
N GLN C 85 -34.25 -19.53 -4.26
CA GLN C 85 -32.90 -19.88 -4.66
C GLN C 85 -31.97 -18.67 -4.50
N PRO C 86 -30.92 -18.77 -3.70
CA PRO C 86 -29.98 -17.64 -3.58
C PRO C 86 -29.09 -17.53 -4.79
N THR C 87 -28.80 -16.28 -5.16
CA THR C 87 -27.88 -15.98 -6.24
C THR C 87 -26.62 -15.32 -5.69
N ALA C 88 -25.61 -15.22 -6.54
CA ALA C 88 -24.36 -14.57 -6.14
C ALA C 88 -24.55 -13.11 -5.80
N GLU C 89 -25.66 -12.49 -6.22
CA GLU C 89 -25.89 -11.07 -6.00
C GLU C 89 -26.75 -10.79 -4.78
N ASN C 90 -27.60 -11.72 -4.36
CA ASN C 90 -28.41 -11.56 -3.16
C ASN C 90 -27.84 -12.29 -1.95
N ALA C 91 -26.77 -13.05 -2.12
CA ALA C 91 -26.31 -13.96 -1.07
C ALA C 91 -25.95 -13.21 0.21
N TYR C 92 -25.35 -12.02 0.09
CA TYR C 92 -24.98 -11.26 1.28
C TYR C 92 -26.21 -10.87 2.08
N GLU C 93 -27.24 -10.36 1.40
CA GLU C 93 -28.47 -9.99 2.08
C GLU C 93 -29.21 -11.23 2.56
N TYR C 94 -29.16 -12.31 1.78
CA TYR C 94 -29.72 -13.59 2.21
C TYR C 94 -29.02 -14.08 3.47
N PHE C 95 -27.68 -14.05 3.48
CA PHE C 95 -26.92 -14.49 4.65
C PHE C 95 -27.24 -13.65 5.87
N THR C 96 -27.23 -12.32 5.71
CA THR C 96 -27.45 -11.43 6.84
C THR C 96 -28.79 -11.68 7.51
N LYS C 97 -29.82 -12.02 6.73
CA LYS C 97 -31.16 -12.20 7.31
C LYS C 97 -31.21 -13.45 8.18
N ILE C 98 -30.75 -14.59 7.66
CA ILE C 98 -30.82 -15.83 8.42
C ILE C 98 -29.81 -15.82 9.57
N ALA C 99 -28.62 -15.26 9.34
CA ALA C 99 -27.62 -15.22 10.40
C ALA C 99 -28.08 -14.34 11.56
N THR C 100 -28.72 -13.20 11.26
CA THR C 100 -29.30 -12.38 12.30
C THR C 100 -30.43 -13.12 13.01
N SER C 101 -31.26 -13.84 12.24
CA SER C 101 -32.34 -14.62 12.82
C SER C 101 -31.82 -15.66 13.80
N LEU C 102 -30.61 -16.16 13.60
CA LEU C 102 -30.07 -17.23 14.44
C LEU C 102 -29.60 -16.73 15.80
N PHE C 103 -29.25 -15.46 15.93
CA PHE C 103 -28.71 -14.92 17.18
C PHE C 103 -29.57 -13.79 17.73
N GLU C 104 -30.87 -13.80 17.41
CA GLU C 104 -31.76 -12.77 17.94
C GLU C 104 -32.21 -13.10 19.36
N SER C 105 -32.42 -14.39 19.66
CA SER C 105 -32.78 -14.80 21.01
C SER C 105 -31.57 -14.82 21.93
N GLY C 106 -30.41 -15.22 21.41
CA GLY C 106 -29.21 -15.25 22.21
C GLY C 106 -28.07 -15.92 21.46
N ILE C 107 -27.04 -16.29 22.22
CA ILE C 107 -25.82 -16.89 21.67
C ILE C 107 -25.52 -18.15 22.46
N ASN C 108 -25.52 -19.30 21.79
CA ASN C 108 -24.98 -20.53 22.35
C ASN C 108 -24.22 -21.26 21.26
N TRP C 109 -23.56 -22.36 21.65
CA TRP C 109 -22.81 -23.15 20.66
C TRP C 109 -23.74 -23.77 19.63
N GLY C 110 -24.97 -24.11 20.01
CA GLY C 110 -25.90 -24.69 19.06
C GLY C 110 -26.25 -23.74 17.94
N ARG C 111 -26.35 -22.45 18.24
CA ARG C 111 -26.64 -21.46 17.20
C ARG C 111 -25.41 -21.17 16.36
N VAL C 112 -24.22 -21.18 16.97
CA VAL C 112 -22.99 -20.96 16.22
C VAL C 112 -22.78 -22.08 15.20
N VAL C 113 -23.08 -23.32 15.58
CA VAL C 113 -22.97 -24.43 14.65
C VAL C 113 -23.97 -24.29 13.51
N ALA C 114 -25.21 -23.92 13.84
CA ALA C 114 -26.21 -23.67 12.81
C ALA C 114 -25.77 -22.58 11.84
N LEU C 115 -25.00 -21.60 12.33
CA LEU C 115 -24.44 -20.59 11.44
C LEU C 115 -23.49 -21.23 10.43
N LEU C 116 -22.56 -22.05 10.91
CA LEU C 116 -21.71 -22.83 10.01
C LEU C 116 -22.56 -23.70 9.09
N GLY C 117 -23.61 -24.32 9.62
CA GLY C 117 -24.46 -25.15 8.79
C GLY C 117 -25.13 -24.37 7.67
N PHE C 118 -25.60 -23.16 7.97
CA PHE C 118 -26.22 -22.34 6.93
C PHE C 118 -25.19 -21.86 5.91
N GLY C 119 -24.02 -21.45 6.39
CA GLY C 119 -22.93 -21.09 5.48
C GLY C 119 -22.59 -22.22 4.53
N TYR C 120 -22.62 -23.45 5.02
CA TYR C 120 -22.34 -24.60 4.15
C TYR C 120 -23.44 -24.78 3.11
N ARG C 121 -24.71 -24.73 3.53
CA ARG C 121 -25.80 -24.90 2.58
C ARG C 121 -25.90 -23.74 1.62
N LEU C 122 -25.46 -22.54 2.03
CA LEU C 122 -25.49 -21.40 1.13
C LEU C 122 -24.42 -21.53 0.06
N ALA C 123 -23.18 -21.82 0.46
CA ALA C 123 -22.11 -22.04 -0.50
C ALA C 123 -22.42 -23.20 -1.44
N LEU C 124 -23.03 -24.26 -0.90
CA LEU C 124 -23.35 -25.42 -1.74
C LEU C 124 -24.43 -25.08 -2.77
N HIS C 125 -25.44 -24.31 -2.38
CA HIS C 125 -26.53 -24.00 -3.30
C HIS C 125 -26.06 -23.05 -4.40
N VAL C 126 -25.22 -22.08 -4.07
CA VAL C 126 -24.71 -21.18 -5.09
C VAL C 126 -23.81 -21.93 -6.05
N TYR C 127 -23.05 -22.90 -5.55
CA TYR C 127 -22.21 -23.73 -6.40
C TYR C 127 -23.05 -24.64 -7.29
N GLN C 128 -24.00 -25.36 -6.71
CA GLN C 128 -24.72 -26.39 -7.45
C GLN C 128 -25.89 -25.83 -8.24
N HIS C 129 -26.56 -24.79 -7.75
CA HIS C 129 -27.68 -24.21 -8.48
C HIS C 129 -27.30 -22.96 -9.28
N GLY C 130 -26.45 -22.10 -8.73
CA GLY C 130 -26.01 -20.93 -9.43
C GLY C 130 -24.76 -21.10 -10.26
N LEU C 131 -24.20 -22.31 -10.25
CA LEU C 131 -23.04 -22.66 -11.09
C LEU C 131 -21.88 -21.70 -10.85
N THR C 132 -21.71 -21.29 -9.59
CA THR C 132 -20.66 -20.35 -9.21
C THR C 132 -20.13 -20.72 -7.84
N GLY C 133 -18.81 -20.86 -7.75
CA GLY C 133 -18.19 -21.13 -6.45
C GLY C 133 -18.28 -19.91 -5.57
N PHE C 134 -18.72 -20.11 -4.32
CA PHE C 134 -18.96 -19.01 -3.40
C PHE C 134 -18.43 -19.28 -2.01
N LEU C 135 -17.63 -20.34 -1.81
CA LEU C 135 -17.14 -20.66 -0.47
C LEU C 135 -16.26 -19.55 0.08
N GLY C 136 -15.40 -18.98 -0.76
CA GLY C 136 -14.57 -17.86 -0.32
C GLY C 136 -15.38 -16.65 0.11
N GLN C 137 -16.51 -16.40 -0.55
CA GLN C 137 -17.35 -15.27 -0.19
C GLN C 137 -18.20 -15.55 1.04
N VAL C 138 -18.75 -16.77 1.14
CA VAL C 138 -19.54 -17.13 2.31
C VAL C 138 -18.66 -17.19 3.55
N THR C 139 -17.43 -17.68 3.40
CA THR C 139 -16.48 -17.66 4.51
C THR C 139 -16.27 -16.24 5.02
N ARG C 140 -16.10 -15.28 4.10
CA ARG C 140 -15.98 -13.89 4.52
C ARG C 140 -17.28 -13.38 5.12
N PHE C 141 -18.43 -13.90 4.68
CA PHE C 141 -19.70 -13.54 5.29
C PHE C 141 -19.74 -13.98 6.74
N VAL C 142 -19.35 -15.23 7.00
CA VAL C 142 -19.37 -15.75 8.36
C VAL C 142 -18.40 -14.97 9.25
N VAL C 143 -17.20 -14.69 8.74
CA VAL C 143 -16.19 -14.01 9.55
C VAL C 143 -16.62 -12.57 9.84
N ASP C 144 -17.13 -11.87 8.82
CA ASP C 144 -17.57 -10.49 9.04
C ASP C 144 -18.78 -10.43 9.97
N PHE C 145 -19.68 -11.40 9.87
CA PHE C 145 -20.87 -11.41 10.74
C PHE C 145 -20.47 -11.63 12.19
N MET C 146 -19.64 -12.64 12.45
CA MET C 146 -19.22 -12.93 13.83
C MET C 146 -18.43 -11.77 14.41
N LEU C 147 -17.73 -11.00 13.57
CA LEU C 147 -16.97 -9.86 14.07
C LEU C 147 -17.89 -8.70 14.43
N HIS C 148 -18.88 -8.41 13.59
CA HIS C 148 -19.73 -7.24 13.78
C HIS C 148 -20.89 -7.50 14.75
N HIS C 149 -21.27 -8.75 14.98
CA HIS C 149 -22.42 -9.08 15.81
C HIS C 149 -22.02 -9.85 17.07
N SER C 150 -20.80 -9.61 17.55
CA SER C 150 -20.32 -10.04 18.86
C SER C 150 -20.20 -11.55 19.02
N ILE C 151 -20.35 -12.32 17.93
CA ILE C 151 -20.25 -13.77 18.05
C ILE C 151 -18.80 -14.20 18.27
N ALA C 152 -17.84 -13.47 17.68
CA ALA C 152 -16.44 -13.87 17.81
C ALA C 152 -15.91 -13.60 19.23
N ARG C 153 -16.36 -12.51 19.86
CA ARG C 153 -15.94 -12.23 21.23
C ARG C 153 -16.64 -13.16 22.21
N TRP C 154 -17.89 -13.55 21.93
CA TRP C 154 -18.54 -14.57 22.73
C TRP C 154 -17.73 -15.86 22.73
N ILE C 155 -17.20 -16.25 21.57
CA ILE C 155 -16.34 -17.43 21.50
C ILE C 155 -15.01 -17.18 22.18
N ALA C 156 -14.48 -15.97 22.06
CA ALA C 156 -13.17 -15.65 22.64
C ALA C 156 -13.21 -15.73 24.17
N GLN C 157 -14.34 -15.33 24.77
CA GLN C 157 -14.46 -15.39 26.22
C GLN C 157 -14.39 -16.82 26.74
N ARG C 158 -14.85 -17.79 25.95
CA ARG C 158 -14.81 -19.19 26.33
C ARG C 158 -13.48 -19.85 25.96
N GLY C 159 -12.43 -19.06 25.73
CA GLY C 159 -11.15 -19.59 25.35
C GLY C 159 -10.96 -19.88 23.88
N GLY C 160 -11.93 -19.54 23.04
CA GLY C 160 -11.78 -19.70 21.61
C GLY C 160 -12.51 -20.91 21.06
N TRP C 161 -12.26 -21.17 19.78
CA TRP C 161 -12.89 -22.30 19.10
C TRP C 161 -12.57 -23.63 19.76
N VAL C 162 -11.41 -23.72 20.43
CA VAL C 162 -11.03 -24.96 21.12
C VAL C 162 -12.09 -25.39 22.12
N ALA C 163 -12.84 -24.43 22.68
CA ALA C 163 -13.90 -24.75 23.63
C ALA C 163 -15.01 -25.58 23.01
N ALA C 164 -15.17 -25.52 21.69
CA ALA C 164 -16.19 -26.32 21.02
C ALA C 164 -15.83 -27.80 20.94
N LEU C 165 -14.56 -28.14 21.16
CA LEU C 165 -14.15 -29.54 21.11
C LEU C 165 -14.86 -30.38 22.17
N ASN C 166 -14.84 -29.94 23.41
CA ASN C 166 -15.41 -30.68 24.53
C ASN C 166 -16.71 -30.01 24.98
N LEU C 167 -17.77 -30.22 24.20
CA LEU C 167 -19.10 -29.77 24.60
C LEU C 167 -19.52 -30.41 25.93
N ASP D 1 18.73 7.74 19.55
CA ASP D 1 17.90 8.93 19.38
C ASP D 1 18.72 10.13 18.92
N ILE D 2 18.18 10.86 17.94
CA ILE D 2 18.70 12.18 17.62
C ILE D 2 18.09 13.18 18.58
N VAL D 3 18.92 13.99 19.22
CA VAL D 3 18.48 14.91 20.26
C VAL D 3 18.53 16.33 19.71
N MET D 4 17.37 16.97 19.60
CA MET D 4 17.27 18.37 19.25
C MET D 4 17.21 19.19 20.53
N THR D 5 18.23 20.02 20.76
CA THR D 5 18.37 20.77 21.99
C THR D 5 18.07 22.24 21.73
N GLN D 6 16.99 22.74 22.32
CA GLN D 6 16.69 24.17 22.36
C GLN D 6 17.15 24.67 23.73
N SER D 7 18.33 25.31 23.75
CA SER D 7 19.00 25.60 25.01
C SER D 7 18.21 26.56 25.89
N HIS D 8 17.36 27.39 25.29
CA HIS D 8 16.60 28.39 26.03
C HIS D 8 15.11 28.07 25.96
N LYS D 9 14.51 27.79 27.11
CA LYS D 9 13.09 27.48 27.16
C LYS D 9 12.24 28.75 27.09
N PHE D 10 12.75 29.86 27.62
CA PHE D 10 12.04 31.13 27.59
C PHE D 10 12.94 32.20 26.99
N MET D 11 12.37 33.03 26.11
CA MET D 11 13.08 34.12 25.48
C MET D 11 12.25 35.40 25.59
N SER D 12 12.90 36.49 25.98
CA SER D 12 12.25 37.79 26.12
C SER D 12 12.58 38.64 24.90
N THR D 13 11.54 39.11 24.20
CA THR D 13 11.69 40.02 23.07
C THR D 13 10.75 41.20 23.26
N SER D 14 10.78 42.11 22.29
CA SER D 14 9.87 43.25 22.24
C SER D 14 9.23 43.32 20.87
N VAL D 15 8.01 43.89 20.83
CA VAL D 15 7.31 44.03 19.56
C VAL D 15 8.10 44.96 18.64
N GLY D 16 8.26 44.55 17.39
CA GLY D 16 9.03 45.30 16.42
C GLY D 16 10.51 44.99 16.42
N ASP D 17 11.01 44.22 17.40
CA ASP D 17 12.39 43.83 17.46
C ASP D 17 12.61 42.52 16.72
N ARG D 18 13.83 42.00 16.77
CA ARG D 18 14.20 40.74 16.14
C ARG D 18 14.65 39.74 17.20
N VAL D 19 14.22 38.49 17.04
CA VAL D 19 14.56 37.42 17.98
C VAL D 19 14.98 36.19 17.20
N SER D 20 15.98 35.48 17.70
CA SER D 20 16.47 34.24 17.09
C SER D 20 16.42 33.11 18.10
N ILE D 21 15.86 31.98 17.68
CA ILE D 21 15.74 30.78 18.52
C ILE D 21 16.66 29.72 17.95
N THR D 22 17.60 29.26 18.78
CA THR D 22 18.60 28.30 18.34
C THR D 22 18.17 26.87 18.62
N CYS D 23 18.66 25.94 17.80
CA CYS D 23 18.31 24.53 17.92
C CYS D 23 19.51 23.72 17.45
N LYS D 24 20.10 22.92 18.36
CA LYS D 24 21.25 22.09 18.05
C LYS D 24 20.85 20.62 18.02
N ALA D 25 21.21 19.95 16.94
CA ALA D 25 21.00 18.52 16.80
C ALA D 25 22.21 17.76 17.33
N SER D 26 21.96 16.55 17.85
CA SER D 26 23.05 15.71 18.32
C SER D 26 23.78 15.00 17.18
N GLN D 27 23.18 14.96 15.99
CA GLN D 27 23.81 14.40 14.81
C GLN D 27 23.69 15.40 13.65
N ASP D 28 24.40 15.11 12.57
CA ASP D 28 24.15 15.82 11.32
C ASP D 28 22.81 15.38 10.76
N VAL D 29 21.89 16.31 10.61
CA VAL D 29 20.59 16.05 9.99
C VAL D 29 20.46 16.76 8.65
N GLY D 30 21.59 17.23 8.10
CA GLY D 30 21.54 17.94 6.83
C GLY D 30 20.69 19.18 6.93
N THR D 31 19.67 19.27 6.09
CA THR D 31 18.70 20.36 6.13
C THR D 31 17.29 19.86 6.38
N ALA D 32 17.14 18.62 6.84
CA ALA D 32 15.82 18.02 7.09
C ALA D 32 15.31 18.44 8.47
N VAL D 33 15.16 19.76 8.63
CA VAL D 33 14.75 20.35 9.90
C VAL D 33 13.55 21.25 9.66
N ALA D 34 12.59 21.21 10.59
CA ALA D 34 11.38 22.03 10.50
C ALA D 34 11.17 22.79 11.81
N TRP D 35 10.48 23.91 11.71
CA TRP D 35 10.13 24.74 12.85
C TRP D 35 8.61 24.85 12.94
N TYR D 36 8.08 24.71 14.16
CA TYR D 36 6.65 24.76 14.39
C TYR D 36 6.32 25.78 15.46
N GLN D 37 5.22 26.50 15.26
CA GLN D 37 4.65 27.40 16.26
C GLN D 37 3.41 26.74 16.87
N GLN D 38 3.29 26.84 18.19
CA GLN D 38 2.10 26.37 18.90
C GLN D 38 1.63 27.41 19.89
N LYS D 39 0.32 27.69 19.87
CA LYS D 39 -0.37 28.56 20.81
C LYS D 39 -1.25 27.72 21.74
N PRO D 40 -1.50 28.20 22.96
CA PRO D 40 -2.27 27.39 23.92
C PRO D 40 -3.60 26.93 23.35
N GLY D 41 -3.88 25.64 23.54
CA GLY D 41 -5.11 25.03 23.09
C GLY D 41 -5.15 24.63 21.64
N GLN D 42 -4.14 25.00 20.84
CA GLN D 42 -4.15 24.78 19.40
C GLN D 42 -3.08 23.78 18.99
N SER D 43 -3.32 23.13 17.86
CA SER D 43 -2.33 22.25 17.27
C SER D 43 -1.13 23.05 16.76
N PRO D 44 0.05 22.43 16.70
CA PRO D 44 1.21 23.11 16.12
C PRO D 44 0.98 23.44 14.64
N LYS D 45 1.64 24.50 14.19
CA LYS D 45 1.54 24.95 12.81
C LYS D 45 2.93 25.02 12.20
N LEU D 46 3.07 24.53 10.98
CA LEU D 46 4.36 24.52 10.31
C LEU D 46 4.74 25.93 9.88
N LEU D 47 5.95 26.35 10.22
CA LEU D 47 6.49 27.65 9.82
C LEU D 47 7.57 27.51 8.75
N ILE D 48 8.60 26.72 9.05
CA ILE D 48 9.76 26.57 8.17
C ILE D 48 10.00 25.09 7.96
N TYR D 49 10.22 24.68 6.72
CA TYR D 49 10.69 23.34 6.40
C TYR D 49 11.94 23.46 5.55
N TRP D 50 12.66 22.35 5.41
CA TRP D 50 13.90 22.32 4.63
C TRP D 50 14.93 23.29 5.21
N ALA D 51 14.86 23.50 6.52
CA ALA D 51 15.74 24.38 7.30
C ALA D 51 15.48 25.86 7.03
N SER D 52 15.19 26.24 5.78
CA SER D 52 15.10 27.65 5.42
C SER D 52 13.90 28.03 4.56
N THR D 53 13.05 27.08 4.18
CA THR D 53 11.96 27.35 3.24
C THR D 53 10.68 27.66 4.00
N ARG D 54 10.11 28.84 3.72
CA ARG D 54 8.87 29.25 4.36
C ARG D 54 7.69 28.45 3.81
N HIS D 55 6.83 27.98 4.72
CA HIS D 55 5.63 27.29 4.29
C HIS D 55 4.61 28.30 3.76
N THR D 56 3.65 27.79 2.98
CA THR D 56 2.64 28.66 2.38
C THR D 56 1.78 29.31 3.46
N GLY D 57 1.51 30.61 3.30
CA GLY D 57 0.69 31.35 4.23
C GLY D 57 1.43 31.90 5.43
N VAL D 58 2.73 31.69 5.53
CA VAL D 58 3.52 32.14 6.68
C VAL D 58 4.08 33.53 6.38
N PRO D 59 4.02 34.47 7.32
CA PRO D 59 4.49 35.83 7.04
C PRO D 59 5.98 35.88 6.75
N ASP D 60 6.37 36.93 6.01
CA ASP D 60 7.77 37.10 5.61
C ASP D 60 8.70 37.28 6.80
N ARG D 61 8.16 37.68 7.97
CA ARG D 61 9.01 37.93 9.13
C ARG D 61 9.57 36.67 9.74
N PHE D 62 9.08 35.49 9.35
CA PHE D 62 9.64 34.22 9.80
C PHE D 62 10.67 33.75 8.78
N THR D 63 11.90 33.54 9.23
CA THR D 63 12.96 33.00 8.38
C THR D 63 13.72 31.92 9.14
N GLY D 64 14.16 30.90 8.41
CA GLY D 64 14.95 29.83 8.98
C GLY D 64 16.32 29.77 8.32
N SER D 65 17.31 29.32 9.09
CA SER D 65 18.66 29.16 8.58
C SER D 65 19.33 28.00 9.30
N GLY D 66 20.32 27.42 8.63
CA GLY D 66 21.17 26.42 9.25
C GLY D 66 21.35 25.16 8.42
N SER D 67 22.35 24.36 8.76
CA SER D 67 22.65 23.13 8.04
C SER D 67 23.56 22.27 8.91
N GLY D 68 23.24 20.99 9.01
CA GLY D 68 24.06 20.07 9.78
C GLY D 68 23.54 19.80 11.17
N THR D 69 23.97 20.60 12.15
CA THR D 69 23.55 20.45 13.54
C THR D 69 22.94 21.72 14.12
N ASP D 70 23.35 22.90 13.66
CA ASP D 70 22.91 24.17 14.23
C ASP D 70 21.87 24.79 13.32
N PHE D 71 20.71 25.11 13.89
CA PHE D 71 19.59 25.68 13.17
C PHE D 71 18.98 26.82 13.98
N THR D 72 18.57 27.87 13.28
CA THR D 72 18.08 29.09 13.91
C THR D 72 16.79 29.54 13.25
N LEU D 73 15.77 29.81 14.08
CA LEU D 73 14.54 30.45 13.64
C LEU D 73 14.61 31.93 14.01
N THR D 74 14.61 32.81 13.01
CA THR D 74 14.68 34.24 13.22
C THR D 74 13.35 34.89 12.87
N ILE D 75 12.80 35.65 13.82
CA ILE D 75 11.57 36.40 13.61
C ILE D 75 11.91 37.88 13.61
N SER D 76 11.85 38.51 12.45
CA SER D 76 12.01 39.95 12.35
C SER D 76 10.68 40.64 12.68
N ASN D 77 10.78 41.87 13.22
CA ASN D 77 9.63 42.71 13.50
C ASN D 77 8.54 41.92 14.24
N VAL D 78 8.90 41.48 15.45
CA VAL D 78 8.03 40.64 16.24
C VAL D 78 6.69 41.32 16.47
N GLN D 79 5.61 40.60 16.22
CA GLN D 79 4.27 41.05 16.52
C GLN D 79 3.74 40.36 17.78
N SER D 80 2.58 40.83 18.25
CA SER D 80 1.98 40.20 19.43
C SER D 80 1.38 38.86 19.08
N GLU D 81 0.97 38.67 17.83
CA GLU D 81 0.49 37.39 17.33
C GLU D 81 1.58 36.33 17.29
N ASP D 82 2.84 36.71 17.48
CA ASP D 82 3.95 35.78 17.41
C ASP D 82 4.34 35.18 18.76
N LEU D 83 3.90 35.80 19.86
CA LEU D 83 4.17 35.28 21.20
C LEU D 83 3.52 33.91 21.37
N ALA D 84 4.32 32.85 21.32
CA ALA D 84 3.82 31.48 21.38
C ALA D 84 4.98 30.54 21.66
N ASP D 85 4.73 29.25 21.54
CA ASP D 85 5.76 28.22 21.66
C ASP D 85 6.34 27.92 20.28
N TYR D 86 7.64 27.64 20.24
CA TYR D 86 8.33 27.35 18.99
C TYR D 86 9.15 26.07 19.16
N PHE D 87 8.82 25.06 18.36
CA PHE D 87 9.49 23.77 18.39
C PHE D 87 10.28 23.56 17.11
N CYS D 88 11.55 23.20 17.23
CA CYS D 88 12.28 22.68 16.09
C CYS D 88 12.10 21.16 16.00
N GLN D 89 12.41 20.62 14.82
CA GLN D 89 12.19 19.22 14.56
C GLN D 89 13.09 18.77 13.43
N GLN D 90 13.65 17.56 13.57
CA GLN D 90 14.29 16.87 12.47
C GLN D 90 13.40 15.70 12.05
N TYR D 91 13.13 15.59 10.75
CA TYR D 91 12.20 14.58 10.29
C TYR D 91 12.87 13.48 9.49
N SER D 92 13.92 12.88 10.05
CA SER D 92 14.51 11.68 9.47
C SER D 92 13.57 10.49 9.76
N SER D 93 14.08 9.28 9.57
CA SER D 93 13.24 8.09 9.71
C SER D 93 12.63 8.00 11.10
N TYR D 94 13.39 8.37 12.12
CA TYR D 94 12.89 8.44 13.50
C TYR D 94 12.89 9.91 13.90
N ARG D 95 11.72 10.54 13.82
CA ARG D 95 11.59 11.98 14.01
C ARG D 95 11.65 12.33 15.49
N THR D 96 12.31 13.44 15.79
CA THR D 96 12.39 13.97 17.14
C THR D 96 12.16 15.48 17.12
N PHE D 97 11.57 15.98 18.20
CA PHE D 97 11.28 17.40 18.36
C PHE D 97 12.24 18.02 19.37
N GLY D 98 12.48 19.32 19.21
CA GLY D 98 13.17 20.06 20.23
C GLY D 98 12.30 20.31 21.44
N GLY D 99 12.94 20.71 22.54
CA GLY D 99 12.21 20.90 23.78
C GLY D 99 11.26 22.07 23.77
N GLY D 100 11.35 22.95 22.79
CA GLY D 100 10.44 24.08 22.69
C GLY D 100 10.98 25.33 23.36
N THR D 101 10.55 26.48 22.84
CA THR D 101 10.94 27.77 23.39
C THR D 101 9.73 28.68 23.43
N LYS D 102 9.43 29.19 24.63
CA LYS D 102 8.30 30.09 24.83
C LYS D 102 8.77 31.54 24.65
N LEU D 103 8.14 32.25 23.73
CA LEU D 103 8.47 33.65 23.51
C LEU D 103 7.59 34.51 24.41
N GLU D 104 8.24 35.41 25.14
CA GLU D 104 7.54 36.30 26.07
C GLU D 104 7.99 37.74 25.84
N ILE D 105 7.20 38.68 26.35
CA ILE D 105 7.48 40.10 26.21
C ILE D 105 8.30 40.57 27.40
N LYS D 106 9.41 41.26 27.12
CA LYS D 106 10.22 41.86 28.17
C LYS D 106 9.57 43.14 28.67
N ARG D 107 9.68 43.38 29.97
CA ARG D 107 9.15 44.58 30.60
C ARG D 107 9.96 44.84 31.86
N THR D 108 9.73 46.00 32.47
CA THR D 108 10.48 46.36 33.66
C THR D 108 10.13 45.45 34.82
N VAL D 109 11.06 45.35 35.77
CA VAL D 109 10.89 44.48 36.92
C VAL D 109 9.73 44.98 37.77
N ALA D 110 8.87 44.06 38.19
CA ALA D 110 7.74 44.38 39.05
C ALA D 110 7.77 43.45 40.25
N ALA D 111 7.94 44.01 41.43
CA ALA D 111 7.81 43.23 42.65
C ALA D 111 6.40 42.66 42.74
N PRO D 112 6.23 41.44 43.24
CA PRO D 112 4.87 40.89 43.39
C PRO D 112 4.15 41.51 44.57
N SER D 113 2.83 41.46 44.51
CA SER D 113 1.97 41.81 45.63
C SER D 113 1.58 40.52 46.35
N VAL D 114 1.93 40.45 47.64
CA VAL D 114 1.80 39.21 48.40
C VAL D 114 0.56 39.29 49.26
N PHE D 115 -0.33 38.32 49.11
CA PHE D 115 -1.52 38.18 49.92
C PHE D 115 -1.61 36.76 50.42
N ILE D 116 -2.05 36.59 51.67
CA ILE D 116 -2.23 35.27 52.27
C ILE D 116 -3.68 35.13 52.70
N PHE D 117 -4.27 33.97 52.40
CA PHE D 117 -5.67 33.70 52.69
C PHE D 117 -5.77 32.56 53.68
N PRO D 118 -6.29 32.79 54.89
CA PRO D 118 -6.51 31.69 55.84
C PRO D 118 -7.59 30.76 55.34
N PRO D 119 -7.65 29.53 55.84
CA PRO D 119 -8.72 28.60 55.42
C PRO D 119 -10.09 29.13 55.83
N SER D 120 -11.04 29.02 54.91
CA SER D 120 -12.40 29.40 55.21
C SER D 120 -13.01 28.48 56.25
N ASP D 121 -13.94 29.01 57.04
CA ASP D 121 -14.59 28.21 58.07
C ASP D 121 -15.48 27.13 57.46
N GLU D 122 -15.99 27.37 56.25
CA GLU D 122 -16.79 26.35 55.58
C GLU D 122 -15.94 25.12 55.22
N GLN D 123 -14.71 25.34 54.75
CA GLN D 123 -13.84 24.22 54.43
C GLN D 123 -13.38 23.50 55.70
N LEU D 124 -13.11 24.26 56.77
CA LEU D 124 -12.69 23.65 58.02
C LEU D 124 -13.73 22.69 58.57
N LYS D 125 -15.02 22.94 58.28
CA LYS D 125 -16.05 22.00 58.68
C LYS D 125 -15.90 20.66 57.97
N SER D 126 -15.48 20.69 56.70
CA SER D 126 -15.39 19.48 55.91
C SER D 126 -14.23 18.59 56.34
N GLY D 127 -13.25 19.12 57.04
CA GLY D 127 -12.16 18.33 57.58
C GLY D 127 -10.79 18.61 57.02
N THR D 128 -10.65 19.57 56.09
CA THR D 128 -9.37 19.91 55.52
C THR D 128 -9.19 21.43 55.55
N ALA D 129 -7.95 21.85 55.41
CA ALA D 129 -7.58 23.27 55.48
C ALA D 129 -6.64 23.59 54.34
N SER D 130 -7.01 24.58 53.52
CA SER D 130 -6.16 25.06 52.44
C SER D 130 -5.75 26.50 52.76
N VAL D 131 -4.45 26.74 52.79
CA VAL D 131 -3.90 28.08 53.02
C VAL D 131 -3.28 28.55 51.72
N VAL D 132 -3.81 29.64 51.17
CA VAL D 132 -3.44 30.13 49.84
C VAL D 132 -2.60 31.38 49.99
N CYS D 133 -1.52 31.45 49.23
CA CYS D 133 -0.67 32.63 49.14
C CYS D 133 -0.67 33.10 47.69
N LEU D 134 -0.89 34.41 47.49
CA LEU D 134 -1.00 34.98 46.16
C LEU D 134 0.18 35.93 45.90
N LEU D 135 0.82 35.74 44.74
CA LEU D 135 1.84 36.65 44.23
C LEU D 135 1.27 37.28 42.98
N ASN D 136 1.01 38.58 43.02
CA ASN D 136 0.24 39.26 41.99
C ASN D 136 1.12 40.19 41.16
N ASN D 137 1.06 40.03 39.84
CA ASN D 137 1.62 40.97 38.86
C ASN D 137 3.09 41.28 39.13
N PHE D 138 3.91 40.25 38.97
CA PHE D 138 5.35 40.39 38.95
C PHE D 138 5.88 40.02 37.57
N TYR D 139 6.96 40.67 37.14
CA TYR D 139 7.39 40.33 35.79
C TYR D 139 8.38 39.16 35.77
N PRO D 140 9.59 39.26 36.36
CA PRO D 140 10.51 38.10 36.28
C PRO D 140 9.83 36.89 36.89
N ARG D 141 9.44 35.96 36.04
CA ARG D 141 8.56 34.87 36.47
C ARG D 141 9.20 33.95 37.49
N GLU D 142 10.53 33.87 37.53
CA GLU D 142 11.19 33.05 38.54
C GLU D 142 10.98 33.68 39.91
N ALA D 143 10.27 32.96 40.78
CA ALA D 143 9.97 33.43 42.13
C ALA D 143 9.97 32.24 43.06
N LYS D 144 10.31 32.50 44.32
CA LYS D 144 10.41 31.45 45.33
C LYS D 144 9.41 31.73 46.45
N VAL D 145 8.63 30.70 46.80
CA VAL D 145 7.63 30.79 47.86
C VAL D 145 7.92 29.68 48.87
N GLN D 146 8.20 30.05 50.11
CA GLN D 146 8.41 29.10 51.19
C GLN D 146 7.31 29.27 52.23
N TRP D 147 6.72 28.15 52.63
CA TRP D 147 5.68 28.15 53.66
C TRP D 147 6.31 27.88 55.02
N LYS D 148 5.93 28.69 56.00
CA LYS D 148 6.43 28.54 57.37
C LYS D 148 5.24 28.51 58.32
N VAL D 149 5.11 27.41 59.05
CA VAL D 149 4.08 27.26 60.07
C VAL D 149 4.77 27.25 61.41
N ASP D 150 4.53 28.28 62.22
CA ASP D 150 5.23 28.50 63.48
C ASP D 150 6.74 28.52 63.27
N ASN D 151 7.16 29.28 62.25
CA ASN D 151 8.57 29.45 61.88
C ASN D 151 9.23 28.14 61.46
N ALA D 152 8.46 27.11 61.15
CA ALA D 152 8.97 25.84 60.69
C ALA D 152 8.74 25.72 59.19
N LEU D 153 9.82 25.59 58.43
CA LEU D 153 9.71 25.51 56.97
C LEU D 153 8.99 24.24 56.55
N GLN D 154 7.98 24.40 55.71
CA GLN D 154 7.21 23.27 55.22
C GLN D 154 7.79 22.77 53.89
N SER D 155 7.56 21.50 53.61
CA SER D 155 8.07 20.89 52.38
C SER D 155 7.10 19.80 51.93
N GLY D 156 6.79 19.79 50.64
CA GLY D 156 5.99 18.75 50.04
C GLY D 156 4.50 18.85 50.27
N ASN D 157 4.02 19.86 50.97
CA ASN D 157 2.60 20.04 51.22
C ASN D 157 2.04 21.28 50.56
N SER D 158 2.77 21.89 49.63
CA SER D 158 2.32 23.08 48.92
C SER D 158 2.40 22.82 47.42
N GLN D 159 1.34 23.19 46.70
CA GLN D 159 1.30 23.10 45.25
C GLN D 159 1.21 24.49 44.66
N GLU D 160 1.89 24.70 43.54
CA GLU D 160 2.00 26.01 42.92
C GLU D 160 1.38 26.00 41.53
N SER D 161 0.82 27.15 41.16
CA SER D 161 0.26 27.37 39.83
C SER D 161 0.62 28.78 39.39
N VAL D 162 1.03 28.91 38.12
CA VAL D 162 1.46 30.19 37.56
C VAL D 162 0.59 30.51 36.35
N THR D 163 0.28 31.78 36.17
CA THR D 163 -0.51 32.24 35.05
C THR D 163 0.36 32.56 33.85
N GLU D 164 -0.27 32.63 32.68
CA GLU D 164 0.44 33.08 31.49
C GLU D 164 0.56 34.61 31.53
N GLN D 165 1.54 35.12 30.78
CA GLN D 165 1.82 36.55 30.79
C GLN D 165 0.58 37.34 30.40
N ASP D 166 0.33 38.42 31.14
CA ASP D 166 -0.86 39.23 30.90
C ASP D 166 -0.77 39.92 29.54
N SER D 167 -1.90 39.96 28.84
CA SER D 167 -1.96 40.64 27.55
C SER D 167 -1.59 42.11 27.66
N LYS D 168 -1.98 42.75 28.76
CA LYS D 168 -1.79 44.18 28.95
C LYS D 168 -0.71 44.53 29.96
N ASP D 169 -0.61 43.79 31.07
CA ASP D 169 0.38 44.10 32.09
C ASP D 169 1.76 43.58 31.73
N SER D 170 1.84 42.49 30.96
CA SER D 170 3.07 41.76 30.69
C SER D 170 3.67 41.17 31.96
N THR D 171 2.83 40.93 32.97
CA THR D 171 3.23 40.41 34.26
C THR D 171 2.76 38.97 34.41
N TYR D 172 3.21 38.35 35.49
CA TYR D 172 2.82 36.99 35.86
C TYR D 172 2.25 37.00 37.28
N SER D 173 1.42 36.00 37.56
CA SER D 173 0.85 35.81 38.88
C SER D 173 1.00 34.35 39.30
N LEU D 174 1.19 34.13 40.60
CA LEU D 174 1.46 32.81 41.13
C LEU D 174 0.65 32.58 42.38
N SER D 175 0.10 31.38 42.53
CA SER D 175 -0.61 30.96 43.72
C SER D 175 0.09 29.75 44.32
N SER D 176 0.37 29.81 45.62
CA SER D 176 0.89 28.68 46.37
C SER D 176 -0.15 28.28 47.41
N THR D 177 -0.56 27.02 47.38
CA THR D 177 -1.64 26.52 48.24
C THR D 177 -1.08 25.47 49.18
N LEU D 178 -1.07 25.80 50.47
CA LEU D 178 -0.68 24.86 51.52
C LEU D 178 -1.90 24.07 51.96
N THR D 179 -1.81 22.74 51.87
CA THR D 179 -2.91 21.85 52.22
C THR D 179 -2.58 21.15 53.54
N LEU D 180 -3.46 21.31 54.52
CA LEU D 180 -3.26 20.75 55.85
C LEU D 180 -4.53 20.06 56.33
N SER D 181 -4.34 19.06 57.18
CA SER D 181 -5.47 18.48 57.89
C SER D 181 -6.05 19.49 58.87
N LYS D 182 -7.35 19.40 59.10
CA LYS D 182 -8.01 20.22 60.12
C LYS D 182 -7.27 20.15 61.45
N ALA D 183 -7.01 18.93 61.93
CA ALA D 183 -6.29 18.75 63.19
C ALA D 183 -4.91 19.40 63.14
N ASP D 184 -4.17 19.21 62.04
CA ASP D 184 -2.84 19.82 61.93
C ASP D 184 -2.92 21.34 61.89
N TYR D 185 -3.94 21.88 61.21
CA TYR D 185 -4.12 23.32 61.16
C TYR D 185 -4.36 23.90 62.54
N GLU D 186 -5.12 23.20 63.39
CA GLU D 186 -5.50 23.72 64.69
C GLU D 186 -4.41 23.59 65.73
N LYS D 187 -3.41 22.74 65.51
CA LYS D 187 -2.27 22.64 66.43
C LYS D 187 -1.28 23.79 66.29
N HIS D 188 -1.49 24.72 65.37
CA HIS D 188 -0.52 25.77 65.11
C HIS D 188 -1.24 27.10 64.94
N LYS D 189 -0.48 28.18 65.18
CA LYS D 189 -1.01 29.53 65.23
C LYS D 189 -0.54 30.42 64.09
N VAL D 190 0.76 30.50 63.86
CA VAL D 190 1.34 31.45 62.92
C VAL D 190 1.56 30.75 61.59
N TYR D 191 0.94 31.27 60.53
CA TYR D 191 1.09 30.76 59.18
C TYR D 191 1.65 31.87 58.30
N ALA D 192 2.83 31.64 57.74
CA ALA D 192 3.56 32.67 57.02
C ALA D 192 3.91 32.19 55.61
N CYS D 193 3.92 33.15 54.68
CA CYS D 193 4.30 32.91 53.29
C CYS D 193 5.43 33.86 52.94
N GLU D 194 6.64 33.32 52.76
CA GLU D 194 7.81 34.13 52.45
C GLU D 194 8.08 34.07 50.95
N VAL D 195 8.27 35.24 50.34
CA VAL D 195 8.38 35.38 48.90
C VAL D 195 9.72 36.03 48.57
N THR D 196 10.48 35.38 47.68
CA THR D 196 11.72 35.92 47.16
C THR D 196 11.54 36.27 45.69
N HIS D 197 12.04 37.44 45.29
CA HIS D 197 11.87 37.90 43.92
C HIS D 197 12.90 38.98 43.63
N GLN D 198 13.22 39.14 42.34
CA GLN D 198 14.24 40.10 41.93
C GLN D 198 13.83 41.53 42.26
N GLY D 199 12.53 41.84 42.15
CA GLY D 199 12.07 43.17 42.47
C GLY D 199 12.09 43.51 43.95
N LEU D 200 12.08 42.49 44.81
CA LEU D 200 12.07 42.70 46.24
C LEU D 200 13.51 42.84 46.74
N SER D 201 13.79 43.96 47.42
CA SER D 201 15.10 44.16 48.03
C SER D 201 15.45 42.99 48.96
N SER D 202 14.52 42.63 49.83
CA SER D 202 14.64 41.49 50.73
C SER D 202 13.43 40.60 50.55
N PRO D 203 13.54 39.32 50.93
CA PRO D 203 12.35 38.45 50.91
C PRO D 203 11.25 39.01 51.81
N VAL D 204 10.02 38.86 51.34
CA VAL D 204 8.84 39.43 52.00
C VAL D 204 7.99 38.31 52.55
N THR D 205 7.56 38.45 53.80
CA THR D 205 6.73 37.47 54.47
C THR D 205 5.36 38.06 54.75
N LYS D 206 4.31 37.29 54.44
CA LYS D 206 2.93 37.65 54.75
C LYS D 206 2.35 36.54 55.62
N SER D 207 1.83 36.90 56.79
CA SER D 207 1.43 35.93 57.79
C SER D 207 0.06 36.28 58.38
N PHE D 208 -0.60 35.25 58.92
CA PHE D 208 -1.81 35.43 59.70
C PHE D 208 -1.72 34.53 60.93
N ASN D 209 -2.54 34.86 61.93
CA ASN D 209 -2.63 34.09 63.16
C ASN D 209 -4.00 33.43 63.19
N ARG D 210 -4.00 32.09 63.25
CA ARG D 210 -5.24 31.32 63.24
C ARG D 210 -6.18 31.77 64.35
N GLY D 211 -7.38 32.20 63.96
CA GLY D 211 -8.38 32.63 64.92
C GLY D 211 -8.33 34.07 65.35
N GLU D 212 -7.61 34.94 64.64
CA GLU D 212 -7.47 36.33 65.05
C GLU D 212 -8.06 37.26 63.99
N CYS D 213 -8.37 38.47 64.45
CA CYS D 213 -8.83 39.59 63.61
C CYS D 213 -10.14 39.34 62.86
N GLU E 1 -10.20 21.85 1.16
CA GLU E 1 -8.86 21.94 1.73
C GLU E 1 -8.48 20.65 2.45
N VAL E 2 -7.23 20.57 2.89
CA VAL E 2 -6.74 19.40 3.60
C VAL E 2 -7.16 19.52 5.07
N LYS E 3 -7.93 18.54 5.54
CA LYS E 3 -8.43 18.56 6.91
C LYS E 3 -8.20 17.20 7.55
N LEU E 4 -7.73 17.22 8.79
CA LEU E 4 -7.63 16.04 9.64
C LEU E 4 -8.43 16.29 10.91
N VAL E 5 -9.50 15.52 11.09
CA VAL E 5 -10.40 15.68 12.23
C VAL E 5 -10.31 14.44 13.09
N GLU E 6 -9.90 14.60 14.34
CA GLU E 6 -9.69 13.48 15.25
C GLU E 6 -10.93 13.24 16.11
N SER E 7 -10.94 12.10 16.78
CA SER E 7 -12.07 11.70 17.61
C SER E 7 -12.14 12.56 18.87
N GLY E 8 -13.25 12.39 19.61
CA GLY E 8 -13.48 13.17 20.81
C GLY E 8 -12.59 12.75 21.96
N ALA E 9 -12.58 13.61 22.99
CA ALA E 9 -11.80 13.36 24.19
C ALA E 9 -12.20 12.03 24.82
N GLU E 10 -11.19 11.32 25.35
CA GLU E 10 -11.38 10.04 26.02
C GLU E 10 -10.98 10.15 27.48
N LEU E 11 -11.83 9.61 28.36
CA LEU E 11 -11.55 9.53 29.79
C LEU E 11 -11.74 8.09 30.23
N VAL E 12 -10.64 7.41 30.57
CA VAL E 12 -10.66 5.98 30.83
C VAL E 12 -9.82 5.65 32.06
N ARG E 13 -10.02 4.45 32.57
CA ARG E 13 -9.29 3.93 33.73
C ARG E 13 -8.01 3.24 33.32
N PRO E 14 -7.02 3.17 34.20
CA PRO E 14 -5.76 2.49 33.87
C PRO E 14 -5.99 1.02 33.54
N GLY E 15 -5.14 0.49 32.67
CA GLY E 15 -5.25 -0.88 32.22
C GLY E 15 -6.20 -1.10 31.08
N THR E 16 -6.85 -0.04 30.59
CA THR E 16 -7.76 -0.12 29.46
C THR E 16 -7.01 0.18 28.17
N SER E 17 -7.69 0.01 27.05
CA SER E 17 -7.15 0.36 25.74
C SER E 17 -8.09 1.35 25.08
N VAL E 18 -7.50 2.32 24.38
CA VAL E 18 -8.26 3.33 23.65
C VAL E 18 -7.79 3.35 22.21
N LYS E 19 -8.69 3.73 21.30
CA LYS E 19 -8.39 3.81 19.87
C LYS E 19 -8.81 5.19 19.36
N VAL E 20 -7.82 6.05 19.14
CA VAL E 20 -8.06 7.38 18.60
C VAL E 20 -8.20 7.28 17.10
N SER E 21 -9.14 8.03 16.53
CA SER E 21 -9.35 8.05 15.09
C SER E 21 -8.85 9.38 14.52
N CYS E 22 -8.58 9.37 13.21
CA CYS E 22 -8.10 10.55 12.51
C CYS E 22 -8.62 10.46 11.07
N LYS E 23 -9.72 11.17 10.79
CA LYS E 23 -10.35 11.11 9.48
C LYS E 23 -9.73 12.17 8.57
N ALA E 24 -9.38 11.77 7.36
CA ALA E 24 -8.74 12.64 6.39
C ALA E 24 -9.71 13.01 5.29
N SER E 25 -9.62 14.24 4.81
CA SER E 25 -10.46 14.71 3.72
C SER E 25 -9.68 15.75 2.92
N GLY E 26 -10.08 15.92 1.66
CA GLY E 26 -9.49 16.92 0.80
C GLY E 26 -8.16 16.55 0.19
N TYR E 27 -7.73 15.30 0.28
CA TYR E 27 -6.51 14.84 -0.37
C TYR E 27 -6.57 13.33 -0.51
N ALA E 28 -5.57 12.77 -1.17
CA ALA E 28 -5.50 11.33 -1.37
C ALA E 28 -4.95 10.68 -0.10
N PHE E 29 -5.83 10.03 0.65
CA PHE E 29 -5.43 9.44 1.93
C PHE E 29 -4.40 8.33 1.73
N THR E 30 -4.54 7.54 0.66
CA THR E 30 -3.67 6.40 0.44
C THR E 30 -2.27 6.78 -0.01
N ASN E 31 -2.04 8.02 -0.44
CA ASN E 31 -0.75 8.40 -1.02
C ASN E 31 0.10 9.28 -0.12
N TYR E 32 -0.39 9.66 1.06
CA TYR E 32 0.39 10.46 2.00
C TYR E 32 0.40 9.77 3.36
N LEU E 33 1.45 10.05 4.13
CA LEU E 33 1.64 9.38 5.41
C LEU E 33 0.78 10.02 6.49
N ILE E 34 0.63 9.29 7.59
CA ILE E 34 -0.09 9.78 8.78
C ILE E 34 0.87 9.68 9.95
N GLU E 35 1.26 10.84 10.49
CA GLU E 35 2.13 10.92 11.65
C GLU E 35 1.30 11.01 12.93
N TRP E 36 1.85 10.49 14.02
CA TRP E 36 1.21 10.58 15.32
C TRP E 36 2.18 11.18 16.32
N VAL E 37 1.72 12.17 17.08
CA VAL E 37 2.55 12.93 18.00
C VAL E 37 1.84 13.00 19.35
N LYS E 38 2.61 12.90 20.43
CA LYS E 38 2.09 12.94 21.79
C LYS E 38 2.63 14.16 22.52
N GLN E 39 1.74 14.89 23.20
CA GLN E 39 2.12 16.06 24.00
C GLN E 39 1.47 15.92 25.38
N ARG E 40 2.30 15.72 26.41
CA ARG E 40 1.73 15.62 27.74
C ARG E 40 1.47 17.02 28.30
N PRO E 41 0.50 17.17 29.23
CA PRO E 41 0.16 18.50 29.75
C PRO E 41 1.37 19.32 30.19
N GLY E 42 1.53 20.50 29.58
CA GLY E 42 2.65 21.37 29.86
C GLY E 42 3.99 20.93 29.33
N GLN E 43 4.06 19.78 28.67
CA GLN E 43 5.31 19.24 28.16
C GLN E 43 5.41 19.51 26.66
N GLY E 44 6.43 18.93 26.03
CA GLY E 44 6.70 19.14 24.63
C GLY E 44 6.08 18.09 23.74
N LEU E 45 6.64 17.94 22.54
CA LEU E 45 6.11 17.05 21.53
C LEU E 45 6.97 15.80 21.44
N GLU E 46 6.33 14.66 21.22
CA GLU E 46 7.00 13.37 21.18
C GLU E 46 6.41 12.53 20.07
N TRP E 47 7.26 12.11 19.13
CA TRP E 47 6.81 11.33 17.98
C TRP E 47 6.53 9.89 18.38
N ILE E 48 5.41 9.36 17.88
CA ILE E 48 4.99 8.00 18.21
C ILE E 48 5.30 7.06 17.06
N GLY E 49 4.80 7.38 15.87
CA GLY E 49 5.01 6.50 14.73
C GLY E 49 4.35 7.06 13.49
N VAL E 50 4.52 6.33 12.39
CA VAL E 50 3.97 6.70 11.09
C VAL E 50 3.33 5.48 10.47
N ILE E 51 2.35 5.72 9.61
CA ILE E 51 1.73 4.66 8.82
C ILE E 51 1.51 5.18 7.40
N ASN E 52 1.67 4.29 6.42
CA ASN E 52 1.31 4.59 5.05
C ASN E 52 -0.07 3.99 4.81
N PRO E 53 -1.13 4.79 4.73
CA PRO E 53 -2.48 4.21 4.60
C PRO E 53 -2.66 3.33 3.39
N GLY E 54 -1.95 3.61 2.29
CA GLY E 54 -2.09 2.78 1.11
C GLY E 54 -1.48 1.40 1.26
N SER E 55 -0.29 1.34 1.85
CA SER E 55 0.42 0.08 2.03
C SER E 55 0.27 -0.53 3.41
N GLY E 56 -0.25 0.24 4.38
CA GLY E 56 -0.27 -0.22 5.76
C GLY E 56 1.10 -0.42 6.36
N GLY E 57 2.14 0.15 5.77
CA GLY E 57 3.47 0.07 6.36
C GLY E 57 3.62 1.03 7.52
N THR E 58 4.28 0.56 8.58
CA THR E 58 4.38 1.31 9.82
C THR E 58 5.82 1.34 10.31
N ASN E 59 6.21 2.49 10.85
CA ASN E 59 7.44 2.63 11.62
C ASN E 59 7.09 3.31 12.94
N TYR E 60 7.80 2.93 14.00
CA TYR E 60 7.47 3.40 15.34
C TYR E 60 8.71 3.95 16.05
N ASN E 61 8.47 4.94 16.90
CA ASN E 61 9.43 5.27 17.94
C ASN E 61 9.64 4.04 18.82
N GLU E 62 10.91 3.70 19.07
CA GLU E 62 11.22 2.45 19.77
C GLU E 62 10.58 2.42 21.15
N LYS E 63 10.35 3.58 21.77
CA LYS E 63 9.70 3.61 23.07
C LYS E 63 8.26 3.12 22.99
N PHE E 64 7.59 3.34 21.86
CA PHE E 64 6.17 3.04 21.73
C PHE E 64 5.88 1.72 21.05
N LYS E 65 6.92 0.98 20.65
CA LYS E 65 6.72 -0.35 20.08
C LYS E 65 6.18 -1.28 21.15
N GLY E 66 5.02 -1.88 20.89
CA GLY E 66 4.31 -2.66 21.87
C GLY E 66 3.27 -1.90 22.67
N LYS E 67 3.28 -0.57 22.61
CA LYS E 67 2.27 0.28 23.24
C LYS E 67 1.26 0.84 22.25
N ALA E 68 1.75 1.50 21.20
CA ALA E 68 0.88 2.11 20.20
C ALA E 68 0.84 1.22 18.96
N THR E 69 -0.37 0.95 18.46
CA THR E 69 -0.57 0.21 17.23
C THR E 69 -1.27 1.13 16.23
N LEU E 70 -0.62 1.41 15.12
CA LEU E 70 -1.16 2.29 14.09
C LEU E 70 -1.82 1.44 13.00
N THR E 71 -3.08 1.74 12.70
CA THR E 71 -3.79 1.10 11.62
C THR E 71 -4.44 2.17 10.75
N ALA E 72 -4.99 1.74 9.61
CA ALA E 72 -5.65 2.64 8.70
C ALA E 72 -6.73 1.89 7.95
N ASP E 73 -7.88 2.55 7.77
CA ASP E 73 -8.98 2.03 6.97
C ASP E 73 -9.08 2.87 5.70
N LYS E 74 -8.86 2.24 4.55
CA LYS E 74 -8.84 2.98 3.30
C LYS E 74 -10.25 3.46 2.90
N SER E 75 -11.25 2.61 3.11
CA SER E 75 -12.63 2.99 2.78
C SER E 75 -13.04 4.27 3.51
N SER E 76 -12.79 4.35 4.81
CA SER E 76 -13.24 5.48 5.61
C SER E 76 -12.26 6.64 5.63
N SER E 77 -11.05 6.46 5.08
CA SER E 77 -10.01 7.48 5.11
C SER E 77 -9.65 7.90 6.53
N THR E 78 -9.73 6.97 7.47
CA THR E 78 -9.43 7.24 8.87
C THR E 78 -8.22 6.42 9.30
N ALA E 79 -7.25 7.09 9.93
CA ALA E 79 -6.17 6.42 10.62
C ALA E 79 -6.54 6.19 12.08
N TYR E 80 -5.96 5.14 12.67
CA TYR E 80 -6.23 4.80 14.06
C TYR E 80 -4.93 4.63 14.82
N MET E 81 -4.95 5.01 16.09
CA MET E 81 -3.85 4.76 17.01
C MET E 81 -4.42 4.12 18.27
N GLN E 82 -4.06 2.87 18.53
CA GLN E 82 -4.53 2.14 19.69
C GLN E 82 -3.43 2.08 20.73
N LEU E 83 -3.71 2.60 21.92
CA LEU E 83 -2.81 2.51 23.05
C LEU E 83 -3.39 1.53 24.07
N THR E 84 -2.57 0.59 24.52
CA THR E 84 -2.98 -0.44 25.47
C THR E 84 -2.29 -0.22 26.81
N SER E 85 -2.80 -0.92 27.83
CA SER E 85 -2.26 -0.90 29.18
C SER E 85 -2.02 0.54 29.65
N LEU E 86 -3.10 1.32 29.60
CA LEU E 86 -3.01 2.75 29.83
C LEU E 86 -2.61 3.05 31.28
N THR E 87 -1.69 4.00 31.43
CA THR E 87 -1.25 4.50 32.72
C THR E 87 -1.31 6.03 32.71
N SER E 88 -0.99 6.63 33.85
CA SER E 88 -1.00 8.09 33.95
C SER E 88 -0.03 8.72 32.96
N ASP E 89 1.07 8.05 32.65
CA ASP E 89 2.03 8.59 31.69
C ASP E 89 1.46 8.67 30.29
N ASP E 90 0.36 7.96 30.01
CA ASP E 90 -0.30 8.04 28.72
C ASP E 90 -1.30 9.17 28.62
N SER E 91 -1.60 9.84 29.74
CA SER E 91 -2.47 11.01 29.71
C SER E 91 -1.77 12.14 28.96
N ALA E 92 -2.33 12.54 27.83
CA ALA E 92 -1.72 13.55 26.98
C ALA E 92 -2.71 13.93 25.88
N VAL E 93 -2.28 14.83 25.02
CA VAL E 93 -3.00 15.18 23.80
C VAL E 93 -2.27 14.54 22.63
N TYR E 94 -3.01 13.80 21.81
CA TYR E 94 -2.42 13.05 20.70
C TYR E 94 -2.85 13.69 19.39
N PHE E 95 -1.88 14.19 18.62
CA PHE E 95 -2.12 14.80 17.34
C PHE E 95 -1.81 13.83 16.21
N CYS E 96 -2.67 13.79 15.20
CA CYS E 96 -2.32 13.14 13.94
C CYS E 96 -1.94 14.22 12.93
N ALA E 97 -1.00 13.88 12.06
CA ALA E 97 -0.51 14.82 11.05
C ALA E 97 -0.20 14.07 9.77
N SER E 98 -0.13 14.83 8.68
CA SER E 98 0.21 14.28 7.37
C SER E 98 1.36 15.10 6.80
N PRO E 99 2.50 14.47 6.47
CA PRO E 99 3.67 15.23 6.02
C PRO E 99 3.72 15.39 4.51
N SER E 100 4.43 16.43 4.09
CA SER E 100 4.72 16.64 2.69
C SER E 100 5.84 15.69 2.25
N LEU E 101 6.15 15.73 0.95
CA LEU E 101 7.21 14.88 0.42
C LEU E 101 8.56 15.18 1.04
N TYR E 102 8.73 16.36 1.65
CA TYR E 102 9.98 16.66 2.35
C TYR E 102 10.06 15.89 3.67
N GLY E 103 8.93 15.72 4.35
CA GLY E 103 8.88 15.10 5.66
C GLY E 103 8.35 16.00 6.75
N SER E 104 8.36 17.31 6.55
CA SER E 104 7.79 18.24 7.52
C SER E 104 6.29 17.99 7.69
N PHE E 105 5.80 18.21 8.91
CA PHE E 105 4.39 17.97 9.24
C PHE E 105 3.60 19.20 8.80
N ASP E 106 3.06 19.15 7.58
CA ASP E 106 2.38 20.32 7.03
C ASP E 106 0.99 20.50 7.61
N TYR E 107 0.23 19.41 7.71
CA TYR E 107 -1.17 19.47 8.14
C TYR E 107 -1.34 18.69 9.43
N TRP E 108 -1.97 19.30 10.42
CA TRP E 108 -2.17 18.71 11.74
C TRP E 108 -3.65 18.56 12.04
N GLY E 109 -3.99 17.55 12.82
CA GLY E 109 -5.33 17.44 13.37
C GLY E 109 -5.50 18.31 14.58
N GLN E 110 -6.74 18.37 15.07
CA GLN E 110 -7.03 19.24 16.21
C GLN E 110 -6.48 18.67 17.50
N GLY E 111 -6.44 17.35 17.62
CA GLY E 111 -5.92 16.74 18.84
C GLY E 111 -7.01 16.01 19.61
N THR E 112 -6.67 14.84 20.14
CA THR E 112 -7.56 14.08 20.99
C THR E 112 -6.96 13.98 22.38
N THR E 113 -7.69 14.46 23.38
CA THR E 113 -7.24 14.41 24.77
C THR E 113 -7.61 13.06 25.36
N VAL E 114 -6.58 12.34 25.82
CA VAL E 114 -6.77 11.07 26.53
C VAL E 114 -6.35 11.29 27.98
N THR E 115 -7.28 11.09 28.91
CA THR E 115 -7.02 11.25 30.33
C THR E 115 -7.22 9.92 31.02
N VAL E 116 -6.17 9.42 31.65
CA VAL E 116 -6.19 8.13 32.34
C VAL E 116 -6.26 8.40 33.83
N SER E 117 -7.37 8.01 34.45
CA SER E 117 -7.57 8.25 35.88
C SER E 117 -8.58 7.25 36.41
N SER E 118 -8.43 6.92 37.69
CA SER E 118 -9.40 6.10 38.40
C SER E 118 -10.39 6.95 39.20
N ALA E 119 -10.22 8.27 39.22
CA ALA E 119 -11.14 9.13 39.93
C ALA E 119 -12.47 9.21 39.20
N SER E 120 -13.51 9.53 39.95
CA SER E 120 -14.87 9.61 39.43
C SER E 120 -15.27 11.06 39.19
N THR E 121 -16.11 11.27 38.17
CA THR E 121 -16.63 12.60 37.86
C THR E 121 -17.27 13.22 39.10
N LYS E 122 -16.80 14.40 39.48
CA LYS E 122 -17.26 15.04 40.71
C LYS E 122 -17.24 16.56 40.51
N GLY E 123 -18.27 17.22 41.04
CA GLY E 123 -18.35 18.66 41.01
C GLY E 123 -17.45 19.30 42.04
N PRO E 124 -17.03 20.53 41.78
CA PRO E 124 -16.11 21.22 42.69
C PRO E 124 -16.82 21.76 43.93
N SER E 125 -16.02 22.00 44.96
CA SER E 125 -16.43 22.73 46.15
C SER E 125 -15.77 24.10 46.11
N VAL E 126 -16.59 25.15 46.22
CA VAL E 126 -16.12 26.53 46.09
C VAL E 126 -16.09 27.16 47.47
N PHE E 127 -14.89 27.55 47.92
CA PHE E 127 -14.70 28.20 49.19
C PHE E 127 -14.15 29.61 48.99
N PRO E 128 -14.64 30.60 49.73
CA PRO E 128 -14.21 31.97 49.49
C PRO E 128 -12.80 32.24 50.00
N LEU E 129 -12.10 33.13 49.32
CA LEU E 129 -10.83 33.67 49.77
C LEU E 129 -11.04 35.15 50.08
N ALA E 130 -11.30 35.44 51.36
CA ALA E 130 -11.74 36.71 51.89
C ALA E 130 -10.54 37.60 52.24
N PRO E 131 -10.66 38.91 52.07
CA PRO E 131 -9.58 39.81 52.50
C PRO E 131 -9.64 40.03 54.00
N SER E 132 -8.46 40.27 54.60
CA SER E 132 -8.34 40.41 56.06
C SER E 132 -7.31 41.50 56.41
N SER E 133 -7.73 42.76 56.29
CA SER E 133 -6.93 43.92 56.72
C SER E 133 -5.50 43.87 56.18
N LYS E 134 -5.32 43.30 54.99
CA LYS E 134 -3.99 43.10 54.42
C LYS E 134 -4.00 43.65 52.99
N SER E 135 -3.29 44.76 52.80
CA SER E 135 -3.16 45.38 51.49
C SER E 135 -1.70 45.38 51.05
N THR E 136 -1.49 45.24 49.75
CA THR E 136 -0.14 45.27 49.19
C THR E 136 -0.15 45.85 47.78
N GLY E 139 -2.09 49.72 49.68
CA GLY E 139 -2.01 49.31 48.28
C GLY E 139 -3.35 48.86 47.72
N THR E 140 -3.40 47.60 47.30
CA THR E 140 -4.61 46.99 46.75
C THR E 140 -5.04 45.83 47.63
N ALA E 141 -6.32 45.47 47.52
CA ALA E 141 -6.89 44.36 48.28
C ALA E 141 -7.19 43.21 47.33
N ALA E 142 -7.04 41.99 47.85
CA ALA E 142 -7.21 40.78 47.06
C ALA E 142 -8.30 39.90 47.65
N LEU E 143 -9.06 39.24 46.77
CA LEU E 143 -10.08 38.29 47.15
C LEU E 143 -10.17 37.24 46.06
N GLY E 144 -10.85 36.13 46.35
CA GLY E 144 -10.91 35.07 45.38
C GLY E 144 -11.79 33.93 45.85
N CYS E 145 -11.85 32.89 45.01
CA CYS E 145 -12.60 31.68 45.27
C CYS E 145 -11.69 30.47 45.10
N LEU E 146 -11.80 29.53 46.04
CA LEU E 146 -11.04 28.28 45.98
C LEU E 146 -11.94 27.20 45.37
N VAL E 147 -11.61 26.77 44.16
CA VAL E 147 -12.35 25.75 43.44
C VAL E 147 -11.57 24.45 43.64
N LYS E 148 -12.07 23.59 44.54
CA LYS E 148 -11.31 22.44 45.02
C LYS E 148 -12.04 21.14 44.76
N ASP E 149 -11.27 20.10 44.44
CA ASP E 149 -11.74 18.71 44.41
C ASP E 149 -12.83 18.51 43.34
N TYR E 150 -12.46 18.80 42.10
CA TYR E 150 -13.33 18.52 40.95
C TYR E 150 -12.62 17.62 39.95
N PHE E 151 -13.41 16.85 39.21
CA PHE E 151 -12.89 15.98 38.17
C PHE E 151 -14.00 15.69 37.19
N PRO E 152 -13.75 15.69 35.87
CA PRO E 152 -12.46 16.09 35.31
C PRO E 152 -12.40 17.58 35.00
N GLU E 153 -11.33 18.02 34.35
CA GLU E 153 -11.28 19.37 33.80
C GLU E 153 -12.11 19.44 32.52
N PRO E 154 -12.56 20.64 32.12
CA PRO E 154 -12.26 21.98 32.65
C PRO E 154 -13.32 22.58 33.56
N VAL E 155 -12.99 23.73 34.14
CA VAL E 155 -13.94 24.59 34.84
C VAL E 155 -13.74 26.02 34.35
N THR E 156 -14.82 26.76 34.26
CA THR E 156 -14.79 28.16 33.89
C THR E 156 -15.22 29.00 35.08
N VAL E 157 -14.49 30.08 35.33
CA VAL E 157 -14.79 30.99 36.45
C VAL E 157 -14.97 32.39 35.89
N SER E 158 -16.11 33.00 36.21
CA SER E 158 -16.37 34.40 35.94
C SER E 158 -16.68 35.11 37.26
N TRP E 159 -16.48 36.43 37.26
CA TRP E 159 -16.72 37.26 38.43
C TRP E 159 -17.85 38.24 38.13
N ASN E 160 -18.88 38.22 38.99
CA ASN E 160 -20.03 39.11 38.85
C ASN E 160 -20.72 38.91 37.49
N SER E 161 -20.82 37.65 37.07
CA SER E 161 -21.48 37.27 35.82
C SER E 161 -20.84 37.92 34.60
N GLY E 162 -19.54 38.25 34.70
CA GLY E 162 -18.82 38.84 33.61
C GLY E 162 -18.58 40.33 33.73
N ALA E 163 -19.20 40.99 34.71
CA ALA E 163 -19.06 42.43 34.85
C ALA E 163 -17.69 42.82 35.39
N LEU E 164 -17.00 41.92 36.08
CA LEU E 164 -15.68 42.19 36.64
C LEU E 164 -14.66 41.32 35.94
N THR E 165 -13.74 41.95 35.21
CA THR E 165 -12.69 41.25 34.48
C THR E 165 -11.30 41.80 34.72
N SER E 166 -11.16 43.06 35.16
CA SER E 166 -9.85 43.62 35.42
C SER E 166 -9.31 43.12 36.75
N GLY E 167 -8.06 42.70 36.76
CA GLY E 167 -7.45 42.13 37.94
C GLY E 167 -7.75 40.67 38.19
N VAL E 168 -8.60 40.05 37.39
CA VAL E 168 -9.00 38.67 37.60
C VAL E 168 -7.90 37.75 37.11
N HIS E 169 -7.42 36.86 37.99
CA HIS E 169 -6.46 35.82 37.63
C HIS E 169 -7.07 34.49 38.03
N THR E 170 -7.54 33.73 37.04
CA THR E 170 -7.98 32.35 37.27
C THR E 170 -6.80 31.42 36.96
N PHE E 171 -6.23 30.84 38.01
CA PHE E 171 -5.01 30.07 37.86
C PHE E 171 -5.27 28.73 37.19
N PRO E 172 -4.33 28.25 36.37
CA PRO E 172 -4.43 26.88 35.86
C PRO E 172 -4.51 25.89 37.00
N ALA E 173 -5.39 24.91 36.85
CA ALA E 173 -5.58 23.91 37.89
C ALA E 173 -4.31 23.10 38.11
N VAL E 174 -4.15 22.62 39.34
CA VAL E 174 -3.13 21.63 39.66
C VAL E 174 -3.84 20.30 39.91
N LEU E 175 -3.08 19.22 39.78
CA LEU E 175 -3.60 17.89 40.03
C LEU E 175 -3.13 17.42 41.40
N GLN E 176 -4.06 17.02 42.25
CA GLN E 176 -3.74 16.64 43.61
C GLN E 176 -3.47 15.13 43.68
N SER E 177 -2.78 14.73 44.75
CA SER E 177 -2.48 13.31 44.96
C SER E 177 -3.73 12.45 45.00
N SER E 178 -4.88 13.03 45.35
CA SER E 178 -6.15 12.31 45.31
C SER E 178 -6.62 12.03 43.89
N GLY E 179 -5.99 12.62 42.88
CA GLY E 179 -6.45 12.51 41.52
C GLY E 179 -7.48 13.54 41.11
N LEU E 180 -7.77 14.52 41.97
CA LEU E 180 -8.76 15.55 41.69
C LEU E 180 -8.06 16.88 41.44
N TYR E 181 -8.74 17.77 40.73
CA TYR E 181 -8.18 19.05 40.34
C TYR E 181 -8.62 20.14 41.31
N SER E 182 -7.79 21.18 41.41
CA SER E 182 -8.10 22.32 42.27
C SER E 182 -7.43 23.57 41.71
N LEU E 183 -8.13 24.70 41.78
CA LEU E 183 -7.57 25.98 41.36
C LEU E 183 -8.16 27.09 42.20
N SER E 184 -7.52 28.26 42.13
CA SER E 184 -8.02 29.49 42.74
C SER E 184 -8.20 30.55 41.66
N SER E 185 -9.31 31.27 41.72
CA SER E 185 -9.54 32.44 40.88
C SER E 185 -9.56 33.67 41.77
N VAL E 186 -8.58 34.55 41.60
CA VAL E 186 -8.40 35.71 42.45
C VAL E 186 -8.63 36.98 41.64
N VAL E 187 -9.06 38.03 42.32
CA VAL E 187 -9.18 39.36 41.73
C VAL E 187 -8.67 40.38 42.75
N THR E 188 -7.93 41.38 42.26
CA THR E 188 -7.45 42.47 43.08
C THR E 188 -8.24 43.74 42.79
N VAL E 189 -8.48 44.53 43.82
CA VAL E 189 -9.24 45.79 43.71
C VAL E 189 -8.55 46.84 44.55
N PRO E 190 -8.80 48.12 44.25
CA PRO E 190 -8.29 49.18 45.13
C PRO E 190 -8.83 49.00 46.54
N SER E 191 -7.98 49.27 47.53
CA SER E 191 -8.36 49.03 48.91
C SER E 191 -9.60 49.83 49.30
N SER E 192 -9.80 51.00 48.69
CA SER E 192 -11.03 51.75 48.93
C SER E 192 -12.24 51.04 48.34
N SER E 193 -12.06 50.38 47.19
CA SER E 193 -13.18 49.71 46.53
C SER E 193 -13.69 48.52 47.33
N LEU E 194 -12.88 47.98 48.24
CA LEU E 194 -13.28 46.82 49.03
C LEU E 194 -14.57 47.09 49.78
N GLY E 195 -15.68 46.53 49.31
CA GLY E 195 -16.96 46.73 49.97
C GLY E 195 -17.88 47.71 49.30
N THR E 196 -17.45 48.36 48.22
CA THR E 196 -18.31 49.25 47.46
C THR E 196 -19.03 48.52 46.35
N GLN E 197 -18.74 47.22 46.21
CA GLN E 197 -19.30 46.36 45.18
C GLN E 197 -19.40 44.98 45.79
N THR E 198 -20.41 44.23 45.39
CA THR E 198 -20.52 42.83 45.79
C THR E 198 -19.73 41.97 44.80
N TYR E 199 -19.00 41.00 45.34
CA TYR E 199 -18.10 40.17 44.55
C TYR E 199 -18.61 38.74 44.60
N ILE E 200 -19.06 38.24 43.45
CA ILE E 200 -19.59 36.89 43.32
C ILE E 200 -18.80 36.17 42.25
N CYS E 201 -18.12 35.09 42.62
CA CYS E 201 -17.46 34.22 41.65
C CYS E 201 -18.46 33.20 41.11
N ASN E 202 -18.46 33.02 39.80
CA ASN E 202 -19.36 32.08 39.13
C ASN E 202 -18.52 30.92 38.62
N VAL E 203 -18.75 29.73 39.17
CA VAL E 203 -17.96 28.54 38.86
C VAL E 203 -18.85 27.56 38.11
N ASN E 204 -18.48 27.26 36.87
CA ASN E 204 -19.18 26.27 36.05
C ASN E 204 -18.29 25.06 35.80
N HIS E 205 -18.79 23.88 36.14
CA HIS E 205 -18.13 22.61 35.87
C HIS E 205 -19.08 21.77 35.02
N LYS E 206 -18.96 21.93 33.70
CA LYS E 206 -19.88 21.26 32.79
C LYS E 206 -19.82 19.73 32.85
N PRO E 207 -18.64 19.09 32.99
CA PRO E 207 -18.63 17.62 33.06
C PRO E 207 -19.53 17.01 34.12
N SER E 208 -19.74 17.70 35.24
CA SER E 208 -20.66 17.24 36.26
C SER E 208 -21.99 17.99 36.25
N ASN E 209 -22.13 18.98 35.36
CA ASN E 209 -23.30 19.84 35.28
C ASN E 209 -23.51 20.64 36.56
N THR E 210 -22.44 20.84 37.32
CA THR E 210 -22.48 21.64 38.54
C THR E 210 -22.16 23.10 38.22
N LYS E 211 -23.05 23.99 38.62
CA LYS E 211 -22.80 25.43 38.54
C LYS E 211 -23.03 26.03 39.91
N VAL E 212 -22.07 26.85 40.36
CA VAL E 212 -22.09 27.38 41.73
C VAL E 212 -21.71 28.85 41.68
N ASP E 213 -22.54 29.69 42.30
CA ASP E 213 -22.20 31.07 42.58
C ASP E 213 -21.89 31.21 44.07
N LYS E 214 -20.86 31.99 44.38
CA LYS E 214 -20.44 32.16 45.77
C LYS E 214 -20.10 33.62 46.01
N ARG E 215 -20.82 34.24 46.95
CA ARG E 215 -20.52 35.61 47.31
C ARG E 215 -19.32 35.64 48.25
N VAL E 216 -18.34 36.47 47.93
CA VAL E 216 -17.11 36.58 48.71
C VAL E 216 -17.18 37.89 49.46
N GLU E 217 -17.51 37.83 50.74
CA GLU E 217 -17.66 39.08 51.46
C GLU E 217 -16.40 39.39 52.27
N PRO E 218 -16.05 40.67 52.39
CA PRO E 218 -14.88 41.03 53.20
C PRO E 218 -15.09 40.71 54.68
N LYS E 219 -14.00 40.35 55.33
CA LYS E 219 -14.06 40.08 56.77
C LYS E 219 -13.40 41.22 57.55
N SER F 5 21.45 30.44 -15.62
CA SER F 5 21.24 30.10 -17.03
C SER F 5 22.55 30.16 -17.80
N MET F 6 23.28 31.27 -17.66
CA MET F 6 24.59 31.37 -18.30
C MET F 6 25.66 30.65 -17.50
N SER F 7 25.62 30.76 -16.18
CA SER F 7 26.61 30.12 -15.33
C SER F 7 26.09 28.78 -14.83
N GLU F 8 27.02 27.88 -14.52
CA GLU F 8 26.65 26.60 -13.95
C GLU F 8 26.05 26.75 -12.56
N GLU F 9 26.50 27.76 -11.80
CA GLU F 9 25.98 27.97 -10.46
C GLU F 9 24.55 28.50 -10.52
N GLN F 10 24.26 29.37 -11.49
CA GLN F 10 22.90 29.84 -11.69
C GLN F 10 21.99 28.72 -12.16
N VAL F 11 22.51 27.80 -12.98
CA VAL F 11 21.72 26.64 -13.40
C VAL F 11 21.44 25.73 -12.22
N ALA F 12 22.42 25.55 -11.34
CA ALA F 12 22.24 24.67 -10.19
C ALA F 12 21.17 25.20 -9.25
N GLN F 13 21.19 26.51 -8.97
CA GLN F 13 20.16 27.11 -8.14
C GLN F 13 18.78 26.93 -8.75
N ASP F 14 18.64 27.26 -10.03
CA ASP F 14 17.37 27.13 -10.72
C ASP F 14 16.86 25.69 -10.77
N THR F 15 17.75 24.71 -10.63
CA THR F 15 17.33 23.31 -10.69
C THR F 15 16.43 22.95 -9.51
N GLU F 16 16.58 23.66 -8.38
CA GLU F 16 15.74 23.38 -7.22
C GLU F 16 14.27 23.66 -7.53
N GLU F 17 13.98 24.83 -8.11
CA GLU F 17 12.61 25.15 -8.49
C GLU F 17 12.09 24.23 -9.58
N VAL F 18 12.93 23.94 -10.58
CA VAL F 18 12.53 23.06 -11.67
C VAL F 18 12.16 21.68 -11.13
N PHE F 19 13.00 21.13 -10.25
CA PHE F 19 12.73 19.80 -9.72
C PHE F 19 11.52 19.80 -8.80
N ARG F 20 11.36 20.86 -7.99
CA ARG F 20 10.18 20.97 -7.14
C ARG F 20 8.91 21.02 -7.97
N SER F 21 8.87 21.90 -8.98
CA SER F 21 7.71 22.00 -9.84
C SER F 21 7.51 20.71 -10.64
N TYR F 22 8.60 20.10 -11.09
CA TYR F 22 8.52 18.81 -11.79
C TYR F 22 7.87 17.75 -10.91
N VAL F 23 8.31 17.66 -9.66
CA VAL F 23 7.77 16.66 -8.74
C VAL F 23 6.30 16.94 -8.44
N PHE F 24 5.95 18.22 -8.21
CA PHE F 24 4.57 18.58 -7.90
C PHE F 24 3.62 18.16 -9.03
N TYR F 25 3.96 18.52 -10.27
CA TYR F 25 3.03 18.27 -11.37
C TYR F 25 2.98 16.80 -11.76
N ARG F 26 4.10 16.08 -11.66
CA ARG F 26 4.06 14.64 -11.94
C ARG F 26 3.22 13.90 -10.91
N HIS F 27 3.36 14.25 -9.63
CA HIS F 27 2.53 13.64 -8.60
C HIS F 27 1.06 13.96 -8.85
N GLN F 28 0.77 15.18 -9.31
CA GLN F 28 -0.61 15.57 -9.61
C GLN F 28 -1.20 14.70 -10.70
N GLN F 29 -0.48 14.54 -11.82
CA GLN F 29 -0.99 13.71 -12.92
C GLN F 29 -1.15 12.26 -12.50
N GLU F 30 -0.20 11.73 -11.74
CA GLU F 30 -0.25 10.32 -11.37
C GLU F 30 -1.39 10.05 -10.40
N GLN F 31 -1.79 11.05 -9.60
CA GLN F 31 -2.92 10.88 -8.69
C GLN F 31 -4.24 11.04 -9.43
N GLU F 32 -4.27 11.89 -10.46
CA GLU F 32 -5.48 12.02 -11.27
C GLU F 32 -5.71 10.77 -12.13
N ALA F 33 -4.64 10.18 -12.67
CA ALA F 33 -4.81 8.96 -13.47
C ALA F 33 -5.13 7.77 -12.59
N GLU F 34 -4.55 7.73 -11.39
CA GLU F 34 -4.90 6.73 -10.39
C GLU F 34 -6.34 6.85 -9.96
N GLY F 35 -6.90 8.06 -10.00
CA GLY F 35 -8.26 8.29 -9.60
C GLY F 35 -8.46 8.60 -8.14
N VAL F 36 -7.43 9.13 -7.47
CA VAL F 36 -7.49 9.44 -6.05
C VAL F 36 -7.34 10.93 -5.77
N ALA F 37 -7.24 11.76 -6.81
CA ALA F 37 -7.10 13.19 -6.61
C ALA F 37 -8.39 13.76 -6.01
N ALA F 38 -8.21 14.79 -5.18
CA ALA F 38 -9.34 15.38 -4.49
C ALA F 38 -10.25 16.12 -5.46
N PRO F 39 -11.56 16.11 -5.23
CA PRO F 39 -12.47 16.82 -6.12
C PRO F 39 -12.25 18.33 -6.08
N ALA F 40 -12.59 18.98 -7.20
CA ALA F 40 -12.45 20.43 -7.32
C ALA F 40 -13.61 20.96 -8.16
N ASP F 41 -14.12 22.12 -7.77
CA ASP F 41 -15.20 22.76 -8.49
C ASP F 41 -15.30 24.25 -8.15
N SER F 52 2.83 30.85 -12.80
CA SER F 52 3.70 30.18 -11.84
C SER F 52 5.01 30.92 -11.67
N SER F 53 6.08 30.31 -12.19
CA SER F 53 7.40 30.91 -12.25
C SER F 53 8.08 30.43 -13.52
N THR F 54 9.02 31.24 -14.01
CA THR F 54 9.74 30.86 -15.22
C THR F 54 10.42 29.51 -15.04
N MET F 55 11.06 29.30 -13.89
CA MET F 55 11.63 28.00 -13.61
C MET F 55 10.56 26.96 -13.27
N GLY F 56 9.41 27.43 -12.77
CA GLY F 56 8.32 26.51 -12.50
C GLY F 56 7.61 26.04 -13.76
N GLN F 57 7.50 26.92 -14.76
CA GLN F 57 6.95 26.50 -16.03
C GLN F 57 7.89 25.49 -16.71
N VAL F 58 9.20 25.71 -16.62
CA VAL F 58 10.15 24.73 -17.12
C VAL F 58 9.91 23.38 -16.48
N GLY F 59 9.82 23.34 -15.15
CA GLY F 59 9.52 22.11 -14.46
C GLY F 59 8.25 21.43 -14.94
N ARG F 60 7.20 22.22 -15.16
CA ARG F 60 5.92 21.63 -15.59
C ARG F 60 5.99 21.15 -17.03
N GLN F 61 6.67 21.91 -17.90
CA GLN F 61 6.79 21.48 -19.29
C GLN F 61 7.57 20.17 -19.42
N LEU F 62 8.51 19.92 -18.50
CA LEU F 62 9.22 18.64 -18.50
C LEU F 62 8.39 17.54 -17.85
N ALA F 63 7.47 17.89 -16.96
CA ALA F 63 6.61 16.89 -16.34
C ALA F 63 5.54 16.38 -17.30
N ILE F 64 5.07 17.22 -18.21
CA ILE F 64 3.95 16.85 -19.06
C ILE F 64 4.38 15.95 -20.22
N ILE F 65 5.59 16.14 -20.75
CA ILE F 65 6.02 15.41 -21.94
C ILE F 65 5.94 13.91 -21.67
N GLY F 66 5.20 13.21 -22.53
CA GLY F 66 5.06 11.77 -22.39
C GLY F 66 5.28 11.01 -23.68
N ASP F 67 6.53 10.93 -24.15
CA ASP F 67 6.85 10.12 -25.30
C ASP F 67 7.15 8.69 -24.85
N ASP F 68 7.55 7.84 -25.80
CA ASP F 68 7.78 6.44 -25.48
C ASP F 68 9.14 6.19 -24.84
N ILE F 69 10.09 7.12 -24.98
CA ILE F 69 11.37 6.95 -24.32
C ILE F 69 11.29 7.35 -22.84
N ASN F 70 10.61 8.45 -22.53
CA ASN F 70 10.44 8.84 -21.14
C ASN F 70 9.53 7.86 -20.41
N ARG F 71 8.47 7.39 -21.09
CA ARG F 71 7.65 6.33 -20.53
C ARG F 71 8.47 5.07 -20.29
N ARG F 72 9.42 4.79 -21.16
CA ARG F 72 10.31 3.66 -20.94
C ARG F 72 11.23 3.91 -19.76
N TYR F 73 11.83 5.10 -19.70
CA TYR F 73 12.67 5.46 -18.55
C TYR F 73 11.94 5.26 -17.23
N ASP F 74 10.69 5.73 -17.16
CA ASP F 74 9.91 5.61 -15.93
C ASP F 74 9.61 4.15 -15.60
N SER F 75 9.33 3.33 -16.62
CA SER F 75 9.07 1.92 -16.39
C SER F 75 10.32 1.22 -15.84
N GLU F 76 11.50 1.61 -16.33
CA GLU F 76 12.73 1.02 -15.80
C GLU F 76 12.97 1.46 -14.36
N PHE F 77 12.77 2.75 -14.07
CA PHE F 77 13.00 3.26 -12.72
C PHE F 77 12.15 2.51 -11.69
N GLN F 78 10.89 2.23 -12.02
CA GLN F 78 10.03 1.53 -11.06
C GLN F 78 10.53 0.11 -10.80
N THR F 79 10.89 -0.61 -11.87
CA THR F 79 11.30 -2.01 -11.72
C THR F 79 12.51 -2.13 -10.79
N MET F 80 13.52 -1.30 -11.00
CA MET F 80 14.71 -1.37 -10.14
C MET F 80 14.37 -0.96 -8.71
N LEU F 81 13.48 0.02 -8.53
CA LEU F 81 13.14 0.43 -7.17
C LEU F 81 12.29 -0.61 -6.46
N GLN F 82 11.37 -1.26 -7.18
CA GLN F 82 10.59 -2.33 -6.58
C GLN F 82 11.44 -3.56 -6.29
N HIS F 83 12.52 -3.76 -7.06
CA HIS F 83 13.34 -4.95 -6.88
C HIS F 83 14.32 -4.76 -5.72
N LEU F 84 15.08 -3.68 -5.74
CA LEU F 84 15.97 -3.29 -4.64
C LEU F 84 15.41 -2.00 -4.04
N GLN F 85 14.57 -2.16 -3.01
CA GLN F 85 13.93 -1.02 -2.37
C GLN F 85 14.98 -0.04 -1.84
N PRO F 86 14.97 1.22 -2.28
CA PRO F 86 15.93 2.18 -1.73
C PRO F 86 15.54 2.63 -0.33
N THR F 87 16.56 2.80 0.51
CA THR F 87 16.41 3.30 1.86
C THR F 87 17.07 4.67 1.98
N ALA F 88 16.81 5.33 3.10
CA ALA F 88 17.41 6.64 3.36
C ALA F 88 18.93 6.57 3.44
N GLU F 89 19.50 5.39 3.67
CA GLU F 89 20.94 5.24 3.83
C GLU F 89 21.65 4.78 2.56
N ASN F 90 20.94 4.10 1.64
CA ASN F 90 21.54 3.70 0.37
C ASN F 90 21.21 4.65 -0.77
N ALA F 91 20.34 5.64 -0.53
CA ALA F 91 19.79 6.46 -1.61
C ALA F 91 20.89 7.20 -2.37
N TYR F 92 21.92 7.69 -1.66
CA TYR F 92 22.97 8.46 -2.33
C TYR F 92 23.72 7.60 -3.33
N GLU F 93 24.14 6.39 -2.91
CA GLU F 93 24.82 5.50 -3.84
C GLU F 93 23.85 4.94 -4.88
N TYR F 94 22.60 4.70 -4.48
CA TYR F 94 21.59 4.30 -5.46
C TYR F 94 21.41 5.38 -6.52
N PHE F 95 21.27 6.63 -6.08
CA PHE F 95 21.14 7.74 -7.01
C PHE F 95 22.39 7.90 -7.89
N THR F 96 23.57 7.90 -7.27
CA THR F 96 24.80 8.11 -8.01
C THR F 96 24.99 7.07 -9.10
N LYS F 97 24.60 5.82 -8.84
CA LYS F 97 24.78 4.77 -9.83
C LYS F 97 23.85 4.96 -11.01
N ILE F 98 22.56 5.22 -10.73
CA ILE F 98 21.60 5.37 -11.81
C ILE F 98 21.82 6.68 -12.56
N ALA F 99 22.18 7.74 -11.85
CA ALA F 99 22.42 9.02 -12.50
C ALA F 99 23.66 8.97 -13.39
N THR F 100 24.71 8.27 -12.94
CA THR F 100 25.88 8.07 -13.78
C THR F 100 25.53 7.23 -15.01
N SER F 101 24.72 6.18 -14.81
CA SER F 101 24.29 5.34 -15.92
C SER F 101 23.54 6.14 -16.99
N LEU F 102 22.86 7.22 -16.59
CA LEU F 102 22.05 7.97 -17.53
C LEU F 102 22.87 8.86 -18.45
N PHE F 103 24.08 9.25 -18.03
CA PHE F 103 24.92 10.15 -18.80
C PHE F 103 26.26 9.51 -19.17
N GLU F 104 26.27 8.18 -19.29
CA GLU F 104 27.50 7.48 -19.64
C GLU F 104 27.77 7.53 -21.14
N SER F 105 26.72 7.42 -21.95
CA SER F 105 26.87 7.57 -23.39
C SER F 105 26.99 9.03 -23.80
N GLY F 106 26.27 9.91 -23.13
CA GLY F 106 26.34 11.32 -23.45
C GLY F 106 25.28 12.11 -22.70
N ILE F 107 25.03 13.33 -23.17
CA ILE F 107 24.10 14.26 -22.52
C ILE F 107 23.15 14.80 -23.58
N ASN F 108 21.85 14.55 -23.40
CA ASN F 108 20.82 15.24 -24.16
C ASN F 108 19.68 15.60 -23.21
N TRP F 109 18.70 16.35 -23.73
CA TRP F 109 17.58 16.75 -22.89
C TRP F 109 16.76 15.56 -22.43
N GLY F 110 16.69 14.49 -23.24
CA GLY F 110 15.96 13.30 -22.82
C GLY F 110 16.58 12.65 -21.60
N ARG F 111 17.90 12.68 -21.48
CA ARG F 111 18.57 12.12 -20.31
C ARG F 111 18.44 13.04 -19.11
N VAL F 112 18.48 14.36 -19.33
CA VAL F 112 18.32 15.30 -18.23
C VAL F 112 16.92 15.17 -17.63
N VAL F 113 15.91 15.00 -18.48
CA VAL F 113 14.55 14.81 -18.00
C VAL F 113 14.44 13.48 -17.26
N ALA F 114 15.04 12.42 -17.80
CA ALA F 114 15.07 11.14 -17.11
C ALA F 114 15.74 11.25 -15.74
N LEU F 115 16.73 12.13 -15.62
CA LEU F 115 17.35 12.38 -14.32
C LEU F 115 16.33 12.95 -13.34
N LEU F 116 15.60 13.99 -13.76
CA LEU F 116 14.50 14.49 -12.96
C LEU F 116 13.47 13.40 -12.67
N GLY F 117 13.16 12.58 -13.68
CA GLY F 117 12.20 11.51 -13.48
C GLY F 117 12.64 10.51 -12.42
N PHE F 118 13.91 10.14 -12.43
CA PHE F 118 14.41 9.20 -11.42
C PHE F 118 14.43 9.83 -10.04
N GLY F 119 14.86 11.09 -9.95
CA GLY F 119 14.77 11.80 -8.68
C GLY F 119 13.36 11.81 -8.12
N TYR F 120 12.36 11.93 -8.98
CA TYR F 120 10.97 11.90 -8.53
C TYR F 120 10.60 10.53 -7.99
N ARG F 121 10.96 9.47 -8.71
CA ARG F 121 10.65 8.12 -8.26
C ARG F 121 11.43 7.74 -7.02
N LEU F 122 12.63 8.30 -6.83
CA LEU F 122 13.42 8.00 -5.65
C LEU F 122 12.82 8.64 -4.41
N ALA F 123 12.53 9.93 -4.46
CA ALA F 123 11.88 10.60 -3.33
C ALA F 123 10.53 9.98 -3.02
N LEU F 124 9.79 9.58 -4.05
CA LEU F 124 8.48 8.99 -3.83
C LEU F 124 8.58 7.63 -3.14
N HIS F 125 9.57 6.81 -3.54
CA HIS F 125 9.69 5.49 -2.95
C HIS F 125 10.21 5.56 -1.52
N VAL F 126 11.14 6.47 -1.25
CA VAL F 126 11.64 6.63 0.12
C VAL F 126 10.54 7.16 1.03
N TYR F 127 9.70 8.04 0.50
CA TYR F 127 8.56 8.55 1.26
C TYR F 127 7.52 7.47 1.51
N GLN F 128 7.12 6.77 0.45
CA GLN F 128 6.00 5.84 0.56
C GLN F 128 6.39 4.47 1.08
N HIS F 129 7.59 4.00 0.75
CA HIS F 129 8.04 2.69 1.23
C HIS F 129 8.95 2.78 2.45
N GLY F 130 9.84 3.76 2.50
CA GLY F 130 10.71 3.94 3.65
C GLY F 130 10.15 4.85 4.71
N LEU F 131 8.95 5.39 4.51
CA LEU F 131 8.24 6.20 5.50
C LEU F 131 9.09 7.37 5.97
N THR F 132 9.82 7.98 5.03
CA THR F 132 10.70 9.10 5.35
C THR F 132 10.69 10.07 4.17
N GLY F 133 10.40 11.34 4.45
CA GLY F 133 10.46 12.35 3.41
C GLY F 133 11.90 12.57 2.98
N PHE F 134 12.13 12.57 1.66
CA PHE F 134 13.48 12.65 1.15
C PHE F 134 13.61 13.61 -0.03
N LEU F 135 12.58 14.41 -0.30
CA LEU F 135 12.63 15.33 -1.45
C LEU F 135 13.75 16.36 -1.28
N GLY F 136 13.91 16.91 -0.08
CA GLY F 136 14.99 17.84 0.17
C GLY F 136 16.36 17.23 -0.04
N GLN F 137 16.51 15.94 0.26
CA GLN F 137 17.79 15.27 0.07
C GLN F 137 18.01 14.90 -1.40
N VAL F 138 16.95 14.43 -2.08
CA VAL F 138 17.07 14.09 -3.50
C VAL F 138 17.36 15.34 -4.32
N THR F 139 16.75 16.47 -3.96
CA THR F 139 17.07 17.73 -4.61
C THR F 139 18.55 18.04 -4.52
N ARG F 140 19.14 17.85 -3.33
CA ARG F 140 20.59 18.02 -3.20
C ARG F 140 21.35 16.97 -4.00
N PHE F 141 20.80 15.78 -4.15
CA PHE F 141 21.44 14.76 -4.99
C PHE F 141 21.48 15.20 -6.44
N VAL F 142 20.35 15.68 -6.97
CA VAL F 142 20.28 16.10 -8.37
C VAL F 142 21.20 17.30 -8.60
N VAL F 143 21.17 18.28 -7.69
CA VAL F 143 21.96 19.50 -7.89
C VAL F 143 23.45 19.19 -7.79
N ASP F 144 23.85 18.38 -6.79
CA ASP F 144 25.26 18.05 -6.64
C ASP F 144 25.77 17.23 -7.82
N PHE F 145 24.93 16.34 -8.36
CA PHE F 145 25.35 15.51 -9.48
C PHE F 145 25.59 16.36 -10.73
N MET F 146 24.62 17.22 -11.06
CA MET F 146 24.74 18.04 -12.26
C MET F 146 25.95 18.97 -12.21
N LEU F 147 26.34 19.43 -11.03
CA LEU F 147 27.52 20.29 -10.91
C LEU F 147 28.81 19.49 -11.06
N HIS F 148 28.90 18.33 -10.41
CA HIS F 148 30.14 17.57 -10.42
C HIS F 148 30.32 16.73 -11.67
N HIS F 149 29.23 16.44 -12.40
CA HIS F 149 29.29 15.59 -13.59
C HIS F 149 28.92 16.38 -14.85
N SER F 150 29.16 17.69 -14.84
CA SER F 150 29.11 18.57 -16.00
C SER F 150 27.72 18.71 -16.60
N ILE F 151 26.68 18.19 -15.95
CA ILE F 151 25.33 18.32 -16.50
C ILE F 151 24.86 19.76 -16.39
N ALA F 152 25.29 20.48 -15.36
CA ALA F 152 24.86 21.85 -15.18
C ALA F 152 25.52 22.77 -16.20
N ARG F 153 26.77 22.49 -16.57
CA ARG F 153 27.45 23.30 -17.58
C ARG F 153 26.87 23.04 -18.96
N TRP F 154 26.49 21.79 -19.25
CA TRP F 154 25.82 21.49 -20.52
C TRP F 154 24.54 22.31 -20.67
N ILE F 155 23.76 22.43 -19.60
CA ILE F 155 22.56 23.25 -19.63
C ILE F 155 22.93 24.73 -19.73
N ALA F 156 24.02 25.13 -19.08
CA ALA F 156 24.44 26.53 -19.14
C ALA F 156 24.84 26.93 -20.55
N GLN F 157 25.44 26.00 -21.30
CA GLN F 157 25.84 26.29 -22.68
C GLN F 157 24.61 26.56 -23.56
N ARG F 158 23.48 25.93 -23.26
CA ARG F 158 22.26 26.11 -24.02
C ARG F 158 21.43 27.30 -23.54
N GLY F 159 22.04 28.23 -22.80
CA GLY F 159 21.30 29.36 -22.29
C GLY F 159 20.53 29.09 -21.02
N GLY F 160 20.68 27.91 -20.44
CA GLY F 160 20.03 27.57 -19.18
C GLY F 160 18.80 26.70 -19.36
N TRP F 161 18.12 26.50 -18.22
CA TRP F 161 16.92 25.66 -18.22
C TRP F 161 15.84 26.21 -19.14
N VAL F 162 15.86 27.52 -19.40
CA VAL F 162 14.87 28.13 -20.29
C VAL F 162 14.89 27.45 -21.66
N ALA F 163 16.02 26.88 -22.04
CA ALA F 163 16.09 26.15 -23.31
C ALA F 163 15.17 24.94 -23.32
N ALA F 164 14.79 24.41 -22.16
CA ALA F 164 13.85 23.30 -22.13
C ALA F 164 12.43 23.75 -22.43
N LEU F 165 12.14 25.04 -22.28
CA LEU F 165 10.82 25.57 -22.63
C LEU F 165 10.55 25.40 -24.12
N ASN F 166 11.52 25.80 -24.95
CA ASN F 166 11.37 25.79 -26.40
C ASN F 166 12.13 24.59 -26.95
N LEU F 167 11.53 23.42 -26.81
CA LEU F 167 12.04 22.18 -27.39
C LEU F 167 12.19 22.30 -28.90
S SO4 G . -7.84 -14.38 2.41
O1 SO4 G . -7.84 -15.83 2.64
O2 SO4 G . -8.65 -13.73 3.43
O3 SO4 G . -8.38 -14.11 1.09
O4 SO4 G . -6.46 -13.89 2.48
N CCN H . 24.90 -9.55 -53.55
C1 CCN H . 25.88 -10.08 -53.76
C2 CCN H . 27.20 -10.79 -54.05
C1 PEG I . 2.42 -27.00 -10.82
O1 PEG I . 2.28 -28.40 -10.92
C2 PEG I . 3.64 -26.68 -9.96
O2 PEG I . 4.64 -26.13 -10.77
C3 PEG I . 5.88 -26.00 -10.13
C4 PEG I . 6.96 -25.73 -11.16
O4 PEG I . 6.90 -24.39 -11.58
N CCN J . -11.30 -15.10 -20.98
C1 CCN J . -12.40 -15.38 -21.03
C2 CCN J . -13.88 -15.75 -21.10
N CCN K . 20.12 -26.51 -29.14
C1 CCN K . 20.62 -25.52 -29.36
C2 CCN K . 21.30 -24.19 -29.65
C1 PEG L . 14.84 -26.76 -31.16
O1 PEG L . 13.96 -27.60 -31.85
C2 PEG L . 14.31 -25.32 -31.21
O2 PEG L . 15.29 -24.46 -30.72
C3 PEG L . 15.33 -24.38 -29.31
C4 PEG L . 16.35 -23.33 -28.89
O4 PEG L . 15.94 -22.06 -29.34
C1 PEG M . -14.89 -31.15 -0.75
O1 PEG M . -15.93 -32.09 -0.66
C2 PEG M . -15.11 -29.98 0.13
O2 PEG M . -13.92 -29.21 0.25
C3 PEG M . -14.14 -27.94 0.85
C4 PEG M . -12.83 -27.32 1.19
O4 PEG M . -12.13 -26.88 0.05
C1 144 N . 7.88 -29.41 -35.18
N 144 N . 6.67 -28.77 -34.74
C2 144 N . 6.39 -27.62 -35.58
O2 144 N . 5.11 -27.14 -35.30
C3 144 N . 6.84 -28.32 -33.36
O3 144 N . 7.82 -27.32 -33.32
C4 144 N . 5.56 -29.71 -34.81
O4 144 N . 5.40 -30.13 -36.14
C1 PGE O . -5.30 -33.53 -28.25
O1 PGE O . -5.81 -34.57 -29.08
C2 PGE O . -3.82 -33.33 -28.52
O2 PGE O . -3.39 -32.15 -27.89
C3 PGE O . -3.56 -32.16 -26.49
C4 PGE O . -3.42 -30.74 -25.97
O4 PGE O . -1.79 -27.05 -24.61
C6 PGE O . -1.91 -28.47 -24.69
C5 PGE O . -2.01 -28.87 -26.14
O3 PGE O . -2.11 -30.28 -26.22
C1 PGE P . -16.42 -37.53 -35.86
O1 PGE P . -15.59 -37.79 -34.73
C2 PGE P . -16.95 -36.11 -35.74
O2 PGE P . -17.89 -35.86 -36.78
C3 PGE P . -18.97 -36.77 -36.81
C4 PGE P . -20.07 -36.17 -37.65
O4 PGE P . -23.67 -37.33 -37.96
C6 PGE P . -22.95 -36.82 -36.85
C5 PGE P . -22.29 -35.52 -37.26
O3 PGE P . -20.96 -35.51 -36.77
C1 PEG Q . -6.80 35.12 60.09
O1 PEG Q . -7.85 35.84 59.50
C2 PEG Q . -7.37 34.05 61.00
O2 PEG Q . -8.15 33.16 60.26
C3 PEG Q . -8.24 31.89 60.83
C4 PEG Q . -9.21 31.03 60.01
O4 PEG Q . -9.32 29.76 60.61
C1 EDO R . -6.25 41.65 32.64
O1 EDO R . -6.59 40.27 32.43
C2 EDO R . -6.32 41.95 34.13
O2 EDO R . -5.36 41.15 34.82
OH2 1PE S . 1.15 26.73 23.85
C12 1PE S . 1.31 26.04 25.08
C22 1PE S . 0.14 25.17 25.41
OH3 1PE S . 0.22 23.96 24.67
C13 1PE S . -1.78 22.94 23.91
C23 1PE S . -0.71 23.91 23.59
OH4 1PE S . -2.40 22.52 22.69
C14 1PE S . -4.17 21.18 21.88
C24 1PE S . -3.03 21.25 22.83
OH5 1PE S . -5.26 20.54 22.51
C15 1PE S . -7.05 19.08 21.98
C25 1PE S . -6.34 20.33 21.61
OH6 1PE S . -8.42 19.22 21.64
C16 1PE S . -9.34 17.24 22.52
C26 1PE S . -9.28 18.71 22.65
OH7 1PE S . -10.43 16.66 23.19
C1 EDO T . -7.76 21.75 12.94
O1 EDO T . -7.79 20.36 12.57
C2 EDO T . -6.40 22.08 13.53
O2 EDO T . -5.39 21.94 12.52
S SO4 U . 18.14 25.05 1.44
O1 SO4 U . 18.36 23.69 1.93
O2 SO4 U . 16.77 25.46 1.72
O3 SO4 U . 18.36 25.09 -0.01
O4 SO4 U . 19.07 25.96 2.10
C1 PEG V . -1.95 26.27 43.32
O1 PEG V . -1.76 27.23 44.33
C2 PEG V . -2.68 25.09 43.82
O2 PEG V . -4.01 25.14 43.34
C3 PEG V . -4.96 24.87 44.36
C4 PEG V . -5.87 26.03 44.55
O4 PEG V . -5.19 27.25 44.77
C1 PGE W . -7.68 34.52 33.70
O1 PGE W . -8.78 35.04 34.39
C2 PGE W . -6.51 35.44 33.76
O2 PGE W . -5.33 34.71 34.04
C3 PGE W . -4.21 35.54 34.29
C4 PGE W . -3.93 36.41 33.10
O4 PGE W . -0.48 38.45 35.60
C6 PGE W . -0.86 37.46 34.66
C5 PGE W . -2.22 37.70 34.12
O3 PGE W . -2.56 36.77 33.09
C1 PEG X . 5.30 -3.38 12.45
O1 PEG X . 5.23 -3.65 13.83
C2 PEG X . 6.69 -3.07 12.01
O2 PEG X . 6.96 -1.69 12.22
C3 PEG X . 7.86 -1.48 13.30
C4 PEG X . 9.01 -0.66 12.85
O4 PEG X . 9.36 0.32 13.79
C1 PEG Y . 4.32 -2.88 8.15
O1 PEG Y . 3.58 -3.87 8.79
C2 PEG Y . 5.80 -3.07 8.43
O2 PEG Y . 6.50 -1.91 8.08
C3 PEG Y . 6.77 -1.82 6.71
C4 PEG Y . 7.21 -0.40 6.38
O4 PEG Y . 8.36 -0.08 7.14
C1 144 Z . -7.23 25.47 33.68
N 144 Z . -8.48 26.11 33.32
C2 144 Z . -8.78 27.13 34.31
O2 144 Z . -7.73 28.05 34.35
C3 144 Z . -9.55 25.13 33.30
O3 144 Z . -9.59 24.44 34.52
C4 144 Z . -8.35 26.72 32.01
O4 144 Z . -8.10 25.73 31.05
S SO4 AA . 9.36 17.71 26.83
O1 SO4 AA . 8.15 16.91 26.64
O2 SO4 AA . 9.02 19.12 26.99
O3 SO4 AA . 10.24 17.55 25.68
O4 SO4 AA . 10.06 17.25 28.03
C1 PEG BA . 19.65 17.72 -27.89
O1 PEG BA . 20.48 16.70 -28.37
C2 PEG BA . 18.58 17.13 -26.97
O2 PEG BA . 18.12 15.92 -27.51
C3 PEG BA . 17.11 15.30 -26.77
C4 PEG BA . 16.87 13.90 -27.32
O4 PEG BA . 15.90 13.25 -26.54
#